data_2E6V
#
_entry.id   2E6V
#
_cell.length_a   57.200
_cell.length_b   151.200
_cell.length_c   177.100
_cell.angle_alpha   90.00
_cell.angle_beta   90.00
_cell.angle_gamma   90.00
#
_symmetry.space_group_name_H-M   'P 21 21 21'
#
loop_
_entity.id
_entity.type
_entity.pdbx_description
1 polymer 'Vesicular integral-membrane protein VIP36'
2 branched alpha-D-mannopyranose-(1-2)-alpha-D-mannopyranose-(1-3)-beta-D-mannopyranose
3 non-polymer 'CALCIUM ION'
4 non-polymer alpha-D-mannopyranose
5 water water
#
_entity_poly.entity_id   1
_entity_poly.type   'polypeptide(L)'
_entity_poly.pdbx_seq_one_letter_code
;GSSEHLKREHSLIKPYQGVGSSSMPLWDFQGSTILTSQYVRLTPDERSKEGSIWNHQPCFLKDWEMHVHFKVHGTGKKNL
HGDGIALWYTRDRLVPGPVFGSKDNFHGLAIFLDTYPNDETTERVFPYISVMVNNGSLSYDHSKDGRWTELAGCTADFRN
RDHDTFLAVRYSRGRLTVMTDLEDKNEWKNCIDITGVRLPTGYYFGASAGTGDLSDNHDIISMKLFQLMVEHTPDEENID
WTKIEPSVNFLKS
;
_entity_poly.pdbx_strand_id   A,B,C,D,E
#
loop_
_chem_comp.id
_chem_comp.type
_chem_comp.name
_chem_comp.formula
BMA D-saccharide, beta linking beta-D-mannopyranose 'C6 H12 O6'
CA non-polymer 'CALCIUM ION' 'Ca 2'
MAN D-saccharide, alpha linking alpha-D-mannopyranose 'C6 H12 O6'
#
# COMPACT_ATOMS: atom_id res chain seq x y z
N GLU A 4 18.00 29.64 19.47
CA GLU A 4 17.79 30.55 20.65
C GLU A 4 17.21 31.92 20.24
N HIS A 5 16.79 32.05 18.98
CA HIS A 5 16.42 33.36 18.44
C HIS A 5 15.42 33.31 17.27
N LEU A 6 15.47 34.31 16.40
CA LEU A 6 14.46 34.53 15.38
C LEU A 6 14.37 33.43 14.33
N LYS A 7 13.16 32.95 14.11
CA LYS A 7 12.90 31.97 13.07
C LYS A 7 12.33 32.68 11.85
N ARG A 8 13.23 32.98 10.92
CA ARG A 8 12.94 33.68 9.68
C ARG A 8 11.83 33.06 8.85
N GLU A 9 11.82 31.73 8.76
CA GLU A 9 10.83 31.04 7.95
C GLU A 9 9.41 31.25 8.48
N HIS A 10 9.28 31.62 9.75
CA HIS A 10 7.99 31.97 10.31
C HIS A 10 7.78 33.43 10.58
N SER A 11 8.50 34.30 9.91
CA SER A 11 8.42 35.73 10.20
C SER A 11 8.06 36.49 8.95
N LEU A 12 7.25 37.51 9.15
CA LEU A 12 6.82 38.38 8.08
C LEU A 12 7.55 39.68 8.34
N ILE A 13 8.46 40.01 7.45
CA ILE A 13 9.39 41.13 7.61
C ILE A 13 9.53 41.87 6.28
N LYS A 14 9.44 43.19 6.34
CA LYS A 14 9.60 44.00 5.12
C LYS A 14 10.97 43.78 4.49
N PRO A 15 11.01 43.63 3.15
CA PRO A 15 9.96 44.03 2.20
C PRO A 15 8.92 42.94 1.87
N TYR A 16 8.86 41.90 2.69
CA TYR A 16 7.83 40.84 2.57
C TYR A 16 7.98 40.06 1.27
N GLN A 17 9.22 39.81 0.89
CA GLN A 17 9.53 39.08 -0.34
C GLN A 17 10.16 37.75 0.02
N GLY A 18 10.01 37.36 1.28
CA GLY A 18 10.57 36.11 1.79
C GLY A 18 10.24 34.91 0.91
N VAL A 19 11.21 34.02 0.78
CA VAL A 19 11.10 32.84 -0.08
C VAL A 19 11.47 31.59 0.74
N GLY A 20 10.68 30.52 0.58
CA GLY A 20 10.95 29.21 1.21
C GLY A 20 11.99 28.37 0.47
N PRO A 25 8.08 31.14 -1.41
CA PRO A 25 7.10 32.15 -0.96
C PRO A 25 6.58 31.80 0.45
N LEU A 26 7.06 32.53 1.46
CA LEU A 26 6.89 32.18 2.87
C LEU A 26 5.53 32.58 3.44
N TRP A 27 4.87 33.53 2.80
CA TRP A 27 3.55 33.98 3.20
C TRP A 27 2.69 34.17 1.95
N ASP A 28 1.44 33.73 2.01
CA ASP A 28 0.42 34.00 0.98
C ASP A 28 -0.72 34.83 1.56
N PHE A 29 -1.28 35.67 0.68
CA PHE A 29 -2.36 36.57 1.00
C PHE A 29 -3.63 36.29 0.18
N GLN A 30 -4.75 36.82 0.62
CA GLN A 30 -6.00 36.70 -0.10
C GLN A 30 -6.93 37.82 0.33
N GLY A 31 -8.07 37.95 -0.35
CA GLY A 31 -9.02 39.00 -0.07
C GLY A 31 -8.45 40.37 -0.36
N SER A 32 -8.68 41.32 0.54
CA SER A 32 -8.41 42.72 0.25
C SER A 32 -6.94 43.03 0.40
N THR A 33 -6.18 42.09 0.96
CA THR A 33 -4.76 42.29 1.29
C THR A 33 -3.87 42.80 0.16
N ILE A 34 -3.10 43.87 0.43
CA ILE A 34 -2.09 44.37 -0.50
C ILE A 34 -0.76 44.41 0.23
N LEU A 35 0.34 44.22 -0.50
CA LEU A 35 1.66 44.46 0.10
C LEU A 35 2.22 45.78 -0.40
N THR A 36 2.75 46.59 0.52
CA THR A 36 3.51 47.77 0.15
C THR A 36 4.87 47.62 0.80
N SER A 37 5.76 48.58 0.59
CA SER A 37 7.12 48.40 1.07
C SER A 37 7.24 48.60 2.58
N GLN A 38 6.23 49.24 3.20
CA GLN A 38 6.28 49.59 4.65
C GLN A 38 5.33 48.80 5.55
N TYR A 39 4.37 48.12 4.95
CA TYR A 39 3.35 47.40 5.73
C TYR A 39 2.60 46.44 4.83
N VAL A 40 1.89 45.52 5.46
CA VAL A 40 0.91 44.71 4.79
C VAL A 40 -0.41 45.25 5.26
N ARG A 41 -1.24 45.71 4.31
CA ARG A 41 -2.57 46.21 4.64
C ARG A 41 -3.59 45.12 4.37
N LEU A 42 -4.21 44.64 5.44
CA LEU A 42 -5.17 43.53 5.33
C LEU A 42 -6.47 44.05 4.79
N THR A 43 -6.90 45.21 5.30
CA THR A 43 -8.06 45.89 4.76
C THR A 43 -7.83 47.38 4.67
N PRO A 44 -8.34 48.02 3.61
CA PRO A 44 -8.43 49.49 3.59
C PRO A 44 -9.57 50.00 4.46
N ASP A 45 -9.68 51.32 4.53
CA ASP A 45 -10.72 51.99 5.30
C ASP A 45 -12.00 52.15 4.46
N GLU A 46 -12.54 51.02 4.06
CA GLU A 46 -13.69 50.93 3.16
C GLU A 46 -14.56 49.82 3.72
N ARG A 47 -15.86 49.88 3.48
CA ARG A 47 -16.74 48.90 4.10
C ARG A 47 -16.70 47.50 3.47
N SER A 48 -17.04 46.49 4.26
CA SER A 48 -17.18 45.09 3.77
C SER A 48 -15.89 44.50 3.17
N LYS A 49 -14.80 44.56 3.92
CA LYS A 49 -13.53 44.06 3.43
C LYS A 49 -13.04 42.93 4.28
N GLU A 50 -12.36 41.98 3.65
CA GLU A 50 -11.77 40.81 4.33
C GLU A 50 -10.45 40.50 3.66
N GLY A 51 -9.44 40.29 4.49
CA GLY A 51 -8.14 40.05 3.94
C GLY A 51 -7.29 39.34 4.92
N SER A 52 -6.38 38.54 4.40
CA SER A 52 -5.55 37.79 5.27
C SER A 52 -4.20 37.45 4.65
N ILE A 53 -3.26 37.06 5.50
CA ILE A 53 -1.92 36.71 5.08
C ILE A 53 -1.57 35.49 5.90
N TRP A 54 -0.95 34.49 5.27
CA TRP A 54 -0.78 33.22 5.97
C TRP A 54 0.56 32.62 5.71
N ASN A 55 1.23 32.18 6.77
CA ASN A 55 2.55 31.55 6.70
C ASN A 55 2.41 30.23 5.95
N HIS A 56 3.38 29.93 5.09
CA HIS A 56 3.28 28.82 4.15
C HIS A 56 3.83 27.55 4.77
N GLN A 57 4.69 27.73 5.76
CA GLN A 57 5.38 26.62 6.38
C GLN A 57 4.77 26.37 7.73
N PRO A 58 4.39 25.12 7.99
CA PRO A 58 3.84 24.76 9.28
C PRO A 58 4.92 24.80 10.35
N CYS A 59 4.56 25.25 11.54
CA CYS A 59 5.53 25.46 12.60
C CYS A 59 5.59 24.27 13.54
N PHE A 60 6.80 23.75 13.74
CA PHE A 60 6.98 22.59 14.61
C PHE A 60 7.63 22.87 15.97
N LEU A 61 7.70 24.13 16.34
CA LEU A 61 8.10 24.51 17.70
C LEU A 61 6.99 24.23 18.70
N LYS A 62 7.34 23.63 19.82
CA LYS A 62 6.48 23.47 21.00
C LYS A 62 6.42 24.77 21.79
N ASP A 63 7.53 25.49 21.84
CA ASP A 63 7.67 26.65 22.71
C ASP A 63 8.09 27.84 21.88
N TRP A 64 7.23 28.84 21.77
CA TRP A 64 7.54 29.99 20.91
C TRP A 64 6.96 31.30 21.42
N GLU A 65 7.35 32.39 20.78
CA GLU A 65 6.84 33.70 21.14
C GLU A 65 6.77 34.49 19.88
N MET A 66 5.58 34.96 19.54
CA MET A 66 5.39 35.75 18.34
C MET A 66 5.21 37.23 18.67
N HIS A 67 6.13 38.04 18.15
CA HIS A 67 6.02 39.50 18.23
C HIS A 67 5.35 40.09 17.01
N VAL A 68 4.30 40.87 17.23
CA VAL A 68 3.55 41.50 16.15
C VAL A 68 3.57 43.03 16.28
N HIS A 69 4.14 43.68 15.29
CA HIS A 69 4.07 45.09 15.09
C HIS A 69 2.92 45.31 14.12
N PHE A 70 1.84 45.88 14.63
CA PHE A 70 0.64 46.07 13.85
C PHE A 70 0.23 47.54 13.94
N LYS A 71 -0.71 47.96 13.09
CA LYS A 71 -1.24 49.32 13.16
C LYS A 71 -2.69 49.34 12.71
N VAL A 72 -3.60 49.73 13.61
CA VAL A 72 -5.02 49.93 13.30
C VAL A 72 -5.33 51.42 13.35
N HIS A 73 -5.85 51.99 12.26
CA HIS A 73 -6.09 53.44 12.21
C HIS A 73 -7.13 53.82 11.17
N GLY A 74 -7.84 54.93 11.43
CA GLY A 74 -8.90 55.45 10.57
C GLY A 74 -9.55 56.72 11.10
N THR A 75 -10.78 56.99 10.65
CA THR A 75 -11.40 58.33 10.69
C THR A 75 -12.62 58.42 11.58
N LYS A 78 -15.76 58.51 15.88
CA LYS A 78 -16.15 58.80 17.27
C LYS A 78 -16.31 57.53 18.11
N ASN A 79 -16.75 56.47 17.45
CA ASN A 79 -16.99 55.14 18.03
C ASN A 79 -17.35 54.26 16.83
N LEU A 80 -17.12 54.79 15.64
CA LEU A 80 -17.69 54.26 14.43
C LEU A 80 -16.56 53.82 13.51
N HIS A 81 -15.97 52.69 13.86
CA HIS A 81 -14.88 52.03 13.13
C HIS A 81 -14.95 50.57 13.54
N GLY A 82 -14.21 49.72 12.84
CA GLY A 82 -14.21 48.29 13.16
C GLY A 82 -13.62 47.58 11.96
N ASP A 83 -13.53 46.25 12.00
CA ASP A 83 -13.97 45.45 13.14
C ASP A 83 -12.84 44.96 14.01
N GLY A 84 -11.63 44.93 13.43
CA GLY A 84 -10.45 44.46 14.12
C GLY A 84 -9.59 43.49 13.33
N ILE A 85 -8.54 43.00 14.01
CA ILE A 85 -7.62 41.99 13.52
C ILE A 85 -7.74 40.71 14.37
N ALA A 86 -7.35 39.58 13.77
CA ALA A 86 -7.17 38.32 14.47
C ALA A 86 -5.83 37.74 14.07
N LEU A 87 -5.13 37.17 15.03
CA LEU A 87 -3.86 36.48 14.80
C LEU A 87 -4.12 35.00 15.02
N TRP A 88 -3.57 34.17 14.15
CA TRP A 88 -4.00 32.79 14.11
C TRP A 88 -2.86 31.83 14.37
N TYR A 89 -3.16 30.68 14.97
CA TYR A 89 -2.27 29.52 14.93
C TYR A 89 -3.19 28.34 14.88
N THR A 90 -3.46 27.90 13.65
CA THR A 90 -4.54 26.96 13.35
C THR A 90 -4.11 25.90 12.35
N ARG A 91 -4.87 24.82 12.31
CA ARG A 91 -4.64 23.72 11.37
C ARG A 91 -4.80 24.14 9.89
N ASP A 92 -5.85 24.89 9.58
CA ASP A 92 -6.09 25.32 8.22
C ASP A 92 -5.57 26.73 7.97
N ARG A 93 -5.16 26.98 6.74
CA ARG A 93 -4.64 28.28 6.36
C ARG A 93 -5.39 28.79 5.13
N LEU A 94 -5.37 30.10 4.91
CA LEU A 94 -5.94 30.70 3.68
C LEU A 94 -7.42 30.35 3.41
N VAL A 95 -8.19 29.98 4.43
CA VAL A 95 -9.62 29.76 4.22
C VAL A 95 -10.40 30.99 4.69
N PRO A 96 -10.98 31.75 3.74
CA PRO A 96 -11.72 32.95 4.13
C PRO A 96 -12.93 32.61 5.00
N GLY A 97 -13.53 33.62 5.61
CA GLY A 97 -14.57 33.41 6.57
C GLY A 97 -15.01 34.65 7.30
N PRO A 98 -16.05 34.50 8.11
CA PRO A 98 -16.63 35.61 8.82
C PRO A 98 -15.89 35.99 10.11
N VAL A 99 -14.86 35.23 10.49
CA VAL A 99 -14.18 35.58 11.75
C VAL A 99 -12.98 36.50 11.49
N PHE A 100 -13.26 37.80 11.46
CA PHE A 100 -12.26 38.80 11.08
C PHE A 100 -11.53 38.41 9.79
N GLY A 101 -12.31 37.94 8.80
CA GLY A 101 -11.75 37.55 7.52
C GLY A 101 -11.44 36.05 7.34
N SER A 102 -11.45 35.29 8.43
CA SER A 102 -11.07 33.87 8.35
C SER A 102 -12.18 32.91 8.80
N LYS A 103 -12.10 31.66 8.36
CA LYS A 103 -13.10 30.65 8.65
C LYS A 103 -13.48 30.53 10.14
N ASP A 104 -14.72 30.10 10.38
CA ASP A 104 -15.22 29.81 11.71
C ASP A 104 -14.95 28.34 12.02
N ASN A 105 -15.27 27.88 13.22
CA ASN A 105 -15.08 26.47 13.55
C ASN A 105 -13.67 26.01 13.19
N PHE A 106 -12.72 26.87 13.52
CA PHE A 106 -11.31 26.62 13.24
C PHE A 106 -10.72 25.65 14.26
N HIS A 107 -9.54 25.17 13.98
CA HIS A 107 -8.83 24.30 14.90
C HIS A 107 -7.55 25.00 15.33
N GLY A 108 -7.44 25.30 16.62
CA GLY A 108 -6.24 25.96 17.13
C GLY A 108 -6.53 27.19 17.96
N LEU A 109 -5.67 28.21 17.77
CA LEU A 109 -5.59 29.42 18.62
C LEU A 109 -5.85 30.71 17.84
N ALA A 110 -6.73 31.54 18.41
CA ALA A 110 -7.02 32.86 17.87
C ALA A 110 -6.81 33.93 18.94
N ILE A 111 -6.19 35.03 18.55
CA ILE A 111 -6.06 36.22 19.38
C ILE A 111 -6.79 37.31 18.64
N PHE A 112 -7.88 37.81 19.22
CA PHE A 112 -8.73 38.78 18.55
C PHE A 112 -8.44 40.16 19.06
N LEU A 113 -8.12 41.06 18.14
CA LEU A 113 -7.98 42.49 18.44
C LEU A 113 -9.27 43.18 17.94
N ASP A 114 -10.27 43.20 18.83
CA ASP A 114 -11.63 43.58 18.46
C ASP A 114 -11.74 45.07 18.73
N THR A 115 -12.09 45.85 17.72
CA THR A 115 -12.26 47.28 17.94
C THR A 115 -13.74 47.78 18.04
N TYR A 116 -14.71 46.92 17.73
CA TYR A 116 -16.10 47.36 17.70
C TYR A 116 -17.00 46.51 18.58
N PRO A 117 -17.71 47.16 19.51
CA PRO A 117 -18.64 46.48 20.40
C PRO A 117 -19.94 46.13 19.68
N ASN A 118 -20.01 44.92 19.13
CA ASN A 118 -21.19 44.48 18.42
C ASN A 118 -22.36 44.30 19.40
N ASP A 119 -22.04 43.79 20.58
CA ASP A 119 -22.98 43.62 21.67
C ASP A 119 -23.45 44.98 22.21
N GLU A 120 -24.70 45.32 21.91
CA GLU A 120 -25.19 46.68 22.09
C GLU A 120 -25.31 47.15 23.55
N THR A 121 -25.38 46.21 24.49
CA THR A 121 -25.42 46.55 25.90
C THR A 121 -24.36 45.73 26.60
N THR A 122 -23.13 46.20 26.46
CA THR A 122 -21.97 45.59 27.02
C THR A 122 -21.28 46.62 27.91
N GLU A 123 -20.73 46.16 29.03
CA GLU A 123 -20.03 46.99 29.99
C GLU A 123 -18.55 47.10 29.61
N ARG A 124 -18.18 46.34 28.60
CA ARG A 124 -16.79 46.15 28.24
C ARG A 124 -16.26 47.38 27.45
N VAL A 125 -15.10 47.87 27.86
CA VAL A 125 -14.38 48.93 27.16
C VAL A 125 -13.48 48.36 26.05
N PHE A 126 -13.68 48.86 24.84
CA PHE A 126 -12.95 48.44 23.65
C PHE A 126 -11.88 49.48 23.33
N PRO A 127 -10.90 49.15 22.48
CA PRO A 127 -10.68 47.84 21.88
C PRO A 127 -10.37 46.83 22.95
N TYR A 128 -10.71 45.58 22.66
CA TYR A 128 -10.58 44.49 23.58
C TYR A 128 -9.80 43.37 22.92
N ILE A 129 -8.82 42.83 23.63
CA ILE A 129 -8.06 41.70 23.17
C ILE A 129 -8.47 40.45 23.94
N SER A 130 -8.67 39.35 23.23
CA SER A 130 -9.05 38.08 23.88
C SER A 130 -8.51 36.88 23.12
N VAL A 131 -8.44 35.74 23.80
CA VAL A 131 -8.01 34.50 23.16
C VAL A 131 -9.08 33.44 23.20
N MET A 132 -9.10 32.62 22.16
CA MET A 132 -10.08 31.58 21.98
C MET A 132 -9.35 30.38 21.42
N VAL A 133 -9.63 29.21 21.98
CA VAL A 133 -9.01 27.98 21.57
C VAL A 133 -10.17 27.14 21.09
N ASN A 134 -9.99 26.50 19.94
CA ASN A 134 -11.06 25.78 19.26
C ASN A 134 -10.58 24.43 18.72
N ASN A 135 -11.42 23.39 18.89
CA ASN A 135 -11.19 22.06 18.29
C ASN A 135 -12.13 21.77 17.13
N GLY A 136 -12.68 22.84 16.56
CA GLY A 136 -13.61 22.76 15.45
C GLY A 136 -15.06 22.82 15.88
N SER A 137 -15.30 22.62 17.17
CA SER A 137 -16.68 22.48 17.69
C SER A 137 -17.32 23.81 18.12
N LEU A 138 -16.53 24.88 18.16
CA LEU A 138 -17.00 26.20 18.61
C LEU A 138 -17.22 27.14 17.45
N SER A 139 -18.25 27.96 17.60
CA SER A 139 -18.57 28.98 16.65
C SER A 139 -18.23 30.29 17.36
N TYR A 140 -17.64 31.24 16.63
CA TYR A 140 -17.39 32.56 17.21
C TYR A 140 -18.64 33.43 17.02
N ASP A 141 -19.27 33.83 18.12
CA ASP A 141 -20.44 34.72 18.04
C ASP A 141 -20.05 36.19 17.84
N HIS A 142 -20.02 36.61 16.58
CA HIS A 142 -19.59 37.96 16.21
C HIS A 142 -20.44 39.01 16.94
N SER A 143 -21.72 38.71 17.10
CA SER A 143 -22.70 39.64 17.67
C SER A 143 -22.52 39.87 19.16
N LYS A 144 -21.77 39.00 19.83
CA LYS A 144 -21.52 39.15 21.25
C LYS A 144 -20.04 39.32 21.56
N ASP A 145 -19.30 39.78 20.55
CA ASP A 145 -17.85 39.93 20.65
C ASP A 145 -17.10 38.69 21.15
N GLY A 146 -17.67 37.52 20.86
CA GLY A 146 -17.07 36.24 21.20
C GLY A 146 -16.89 35.97 22.66
N ARG A 147 -17.60 36.73 23.50
CA ARG A 147 -17.51 36.60 24.94
C ARG A 147 -17.77 35.18 25.50
N TRP A 148 -18.79 34.49 24.99
CA TRP A 148 -19.07 33.10 25.47
C TRP A 148 -18.07 32.00 25.04
N THR A 149 -17.13 32.30 24.15
CA THR A 149 -16.09 31.32 23.76
C THR A 149 -14.65 31.73 24.09
N GLU A 150 -14.49 32.80 24.84
CA GLU A 150 -13.15 33.29 25.12
C GLU A 150 -12.60 32.71 26.45
N LEU A 151 -11.29 32.63 26.57
CA LEU A 151 -10.68 32.11 27.79
C LEU A 151 -10.24 33.20 28.74
N ALA A 152 -9.96 34.37 28.19
CA ALA A 152 -9.46 35.55 28.93
C ALA A 152 -9.33 36.71 27.93
N GLY A 153 -9.11 37.91 28.45
CA GLY A 153 -8.99 39.10 27.61
C GLY A 153 -8.61 40.30 28.46
N CYS A 154 -8.19 41.39 27.80
CA CYS A 154 -7.94 42.65 28.50
C CYS A 154 -8.40 43.80 27.61
N THR A 155 -8.76 44.93 28.21
CA THR A 155 -8.93 46.15 27.44
C THR A 155 -7.56 46.63 26.99
N ALA A 156 -7.46 47.05 25.73
CA ALA A 156 -6.19 47.52 25.16
C ALA A 156 -6.37 48.73 24.20
N ASP A 157 -5.69 49.80 24.55
CA ASP A 157 -5.80 51.06 23.86
C ASP A 157 -4.80 51.09 22.68
N PHE A 158 -5.08 50.39 21.59
CA PHE A 158 -4.08 50.21 20.54
C PHE A 158 -4.42 50.92 19.28
N ARG A 159 -5.55 51.60 19.24
CA ARG A 159 -6.03 52.19 18.00
C ARG A 159 -5.71 53.67 17.87
N ASN A 160 -5.32 54.10 16.66
CA ASN A 160 -4.98 55.48 16.39
C ASN A 160 -3.94 56.14 17.36
N ARG A 161 -2.95 55.38 17.80
CA ARG A 161 -1.88 55.89 18.62
C ARG A 161 -0.83 56.59 17.75
N ASP A 162 -0.10 57.56 18.31
CA ASP A 162 0.87 58.32 17.49
C ASP A 162 2.27 57.73 17.56
N HIS A 163 2.36 56.45 17.93
CA HIS A 163 3.63 55.72 17.92
C HIS A 163 3.34 54.23 17.68
N ASP A 164 4.39 53.44 17.55
CA ASP A 164 4.29 52.04 17.18
C ASP A 164 3.57 51.24 18.25
N THR A 165 2.74 50.28 17.84
CA THR A 165 2.00 49.43 18.78
C THR A 165 2.39 47.99 18.56
N PHE A 166 2.82 47.31 19.63
CA PHE A 166 3.28 45.91 19.54
C PHE A 166 2.49 44.99 20.46
N LEU A 167 2.46 43.70 20.11
CA LEU A 167 1.83 42.67 20.89
C LEU A 167 2.82 41.50 21.02
N ALA A 168 2.81 40.81 22.15
CA ALA A 168 3.59 39.58 22.31
C ALA A 168 2.68 38.42 22.68
N VAL A 169 2.81 37.33 21.93
CA VAL A 169 2.05 36.11 22.22
C VAL A 169 3.04 34.97 22.48
N ARG A 170 3.16 34.60 23.76
CA ARG A 170 4.00 33.53 24.19
C ARG A 170 3.21 32.21 24.40
N TYR A 171 3.73 31.11 23.87
CA TYR A 171 3.14 29.83 24.17
C TYR A 171 4.18 28.76 24.49
N SER A 172 4.12 28.24 25.71
CA SER A 172 5.01 27.17 26.18
C SER A 172 4.47 26.34 27.37
N ARG A 173 4.44 25.01 27.21
CA ARG A 173 4.09 24.09 28.31
C ARG A 173 2.72 24.37 28.90
N GLY A 174 1.74 24.53 28.02
CA GLY A 174 0.37 24.79 28.45
C GLY A 174 0.05 26.24 28.79
N ARG A 175 1.07 27.08 28.76
CA ARG A 175 0.91 28.43 29.23
C ARG A 175 0.84 29.36 28.04
N LEU A 176 -0.24 30.12 27.97
CA LEU A 176 -0.42 31.13 26.95
C LEU A 176 -0.47 32.55 27.53
N THR A 177 0.44 33.39 27.06
CA THR A 177 0.59 34.77 27.55
C THR A 177 0.48 35.72 26.37
N VAL A 178 -0.30 36.79 26.56
CA VAL A 178 -0.34 37.88 25.61
C VAL A 178 -0.03 39.14 26.38
N MET A 179 0.95 39.89 25.90
CA MET A 179 1.36 41.14 26.53
C MET A 179 1.39 42.23 25.47
N THR A 180 1.22 43.48 25.89
CA THR A 180 1.20 44.63 24.94
C THR A 180 2.29 45.65 25.22
N ASP A 181 2.56 46.43 24.18
CA ASP A 181 3.51 47.52 24.21
C ASP A 181 2.88 48.63 23.39
N LEU A 182 2.12 49.49 24.06
CA LEU A 182 1.26 50.44 23.36
C LEU A 182 1.54 51.91 23.71
N GLU A 183 2.43 52.13 24.67
CA GLU A 183 2.60 53.47 25.21
C GLU A 183 3.99 54.04 24.93
N ASP A 184 4.66 53.50 23.93
CA ASP A 184 6.03 53.90 23.60
C ASP A 184 7.04 53.89 24.79
N LYS A 185 6.82 53.04 25.79
CA LYS A 185 7.76 52.95 26.92
C LYS A 185 8.73 51.78 26.77
N ASN A 186 8.73 51.14 25.59
CA ASN A 186 9.48 49.91 25.37
C ASN A 186 9.33 48.89 26.53
N GLU A 187 8.12 48.79 27.05
CA GLU A 187 7.78 47.84 28.12
C GLU A 187 6.61 46.97 27.70
N TRP A 188 6.68 45.69 28.05
CA TRP A 188 5.54 44.79 27.95
C TRP A 188 4.58 44.94 29.13
N LYS A 189 3.30 45.10 28.84
CA LYS A 189 2.30 45.19 29.88
C LYS A 189 1.41 43.94 29.82
N ASN A 190 0.93 43.51 30.98
CA ASN A 190 0.08 42.34 31.11
C ASN A 190 -1.22 42.52 30.40
N CYS A 191 -1.75 41.41 29.86
CA CYS A 191 -3.04 41.39 29.24
C CYS A 191 -3.70 40.05 29.58
N ILE A 192 -3.12 38.97 29.09
CA ILE A 192 -3.67 37.62 29.23
C ILE A 192 -2.60 36.67 29.75
N ASP A 193 -2.95 35.84 30.72
CA ASP A 193 -2.06 34.79 31.24
C ASP A 193 -2.79 33.55 31.78
N ILE A 194 -2.84 32.50 30.98
CA ILE A 194 -3.65 31.34 31.33
C ILE A 194 -2.89 30.02 31.15
N THR A 195 -3.39 28.98 31.79
CA THR A 195 -2.71 27.69 31.77
C THR A 195 -3.68 26.61 31.39
N GLY A 196 -3.19 25.39 31.16
CA GLY A 196 -4.06 24.28 30.78
C GLY A 196 -4.49 24.34 29.33
N VAL A 197 -3.71 25.08 28.53
CA VAL A 197 -3.99 25.23 27.13
C VAL A 197 -3.22 24.20 26.32
N ARG A 198 -3.93 23.34 25.61
CA ARG A 198 -3.26 22.37 24.82
C ARG A 198 -3.33 22.65 23.31
N LEU A 199 -2.17 22.77 22.67
CA LEU A 199 -2.11 22.98 21.23
C LEU A 199 -1.09 22.07 20.54
N PRO A 200 -1.40 21.63 19.31
CA PRO A 200 -0.45 20.82 18.57
C PRO A 200 0.61 21.65 17.82
N THR A 201 1.68 20.97 17.44
CA THR A 201 2.65 21.51 16.51
C THR A 201 2.11 21.18 15.10
N GLY A 202 2.73 21.73 14.06
CA GLY A 202 2.23 21.53 12.68
C GLY A 202 1.14 22.49 12.20
N TYR A 203 0.79 23.47 13.01
CA TYR A 203 -0.21 24.49 12.63
C TYR A 203 0.46 25.67 11.95
N TYR A 204 -0.35 26.57 11.42
CA TYR A 204 0.18 27.71 10.69
C TYR A 204 -0.12 29.02 11.39
N PHE A 205 0.88 29.92 11.39
CA PHE A 205 0.66 31.31 11.73
C PHE A 205 0.06 32.09 10.57
N GLY A 206 -0.82 33.03 10.91
CA GLY A 206 -1.41 33.94 9.97
C GLY A 206 -2.09 35.09 10.69
N ALA A 207 -2.62 36.02 9.90
CA ALA A 207 -3.28 37.21 10.42
C ALA A 207 -4.34 37.63 9.45
N SER A 208 -5.46 38.13 9.98
CA SER A 208 -6.54 38.59 9.13
C SER A 208 -7.30 39.74 9.78
N ALA A 209 -8.06 40.46 8.99
CA ALA A 209 -8.87 41.56 9.50
C ALA A 209 -10.11 41.62 8.64
N GLY A 210 -11.19 42.14 9.23
CA GLY A 210 -12.44 42.36 8.51
C GLY A 210 -13.03 43.71 8.83
N THR A 211 -13.84 44.24 7.89
CA THR A 211 -14.60 45.46 8.11
C THR A 211 -16.02 45.16 7.66
N GLY A 212 -17.03 45.73 8.31
CA GLY A 212 -18.42 45.53 7.93
C GLY A 212 -19.02 46.82 7.41
N ASP A 213 -20.09 47.28 8.07
CA ASP A 213 -20.66 48.63 7.83
C ASP A 213 -19.73 49.68 8.42
N LEU A 214 -18.83 49.23 9.31
CA LEU A 214 -17.81 50.12 9.85
C LEU A 214 -16.45 49.60 9.42
N SER A 215 -15.51 50.53 9.25
CA SER A 215 -14.26 50.17 8.60
C SER A 215 -13.06 50.75 9.34
N ASP A 216 -11.87 50.46 8.81
CA ASP A 216 -10.59 50.88 9.35
C ASP A 216 -9.42 50.30 8.54
N ASN A 217 -8.25 50.94 8.58
CA ASN A 217 -7.06 50.31 8.02
C ASN A 217 -6.54 49.33 9.06
N HIS A 218 -6.35 48.09 8.64
CA HIS A 218 -5.70 47.10 9.48
C HIS A 218 -4.40 46.69 8.82
N ASP A 219 -3.29 47.02 9.49
CA ASP A 219 -1.97 46.83 8.94
C ASP A 219 -1.17 45.93 9.84
N ILE A 220 -0.40 45.04 9.23
CA ILE A 220 0.65 44.31 9.92
C ILE A 220 1.96 44.88 9.39
N ILE A 221 2.85 45.29 10.29
CA ILE A 221 4.14 45.76 9.86
C ILE A 221 5.15 44.63 10.00
N SER A 222 5.04 43.83 11.04
CA SER A 222 5.91 42.68 11.11
C SER A 222 5.39 41.70 12.12
N MET A 223 5.71 40.45 11.87
CA MET A 223 5.46 39.38 12.79
C MET A 223 6.82 38.71 12.88
N LYS A 224 7.31 38.53 14.11
CA LYS A 224 8.61 37.93 14.34
C LYS A 224 8.48 36.76 15.30
N LEU A 225 8.79 35.57 14.81
CA LEU A 225 8.61 34.38 15.64
C LEU A 225 9.94 33.97 16.27
N PHE A 226 9.95 33.89 17.60
CA PHE A 226 11.13 33.50 18.33
C PHE A 226 10.96 32.12 18.91
N GLN A 227 12.01 31.31 18.77
CA GLN A 227 12.06 29.98 19.36
C GLN A 227 12.58 30.07 20.77
N LEU A 228 11.80 29.55 21.71
CA LEU A 228 12.22 29.59 23.10
C LEU A 228 12.98 28.32 23.47
N MET A 229 14.01 28.48 24.30
CA MET A 229 14.78 27.33 24.77
C MET A 229 14.23 26.78 26.08
N VAL A 230 13.45 25.72 26.00
CA VAL A 230 12.76 25.24 27.18
C VAL A 230 12.91 23.73 27.36
N GLU A 231 13.21 23.33 28.59
CA GLU A 231 13.27 21.94 28.99
C GLU A 231 11.89 21.32 29.20
N HIS A 232 11.72 20.10 28.72
CA HIS A 232 10.46 19.35 28.88
C HIS A 232 10.68 18.12 29.75
N THR A 233 9.59 17.53 30.23
CA THR A 233 9.67 16.34 31.05
C THR A 233 9.93 15.10 30.19
N PRO A 234 10.63 14.09 30.76
CA PRO A 234 10.82 12.82 30.10
C PRO A 234 9.58 12.35 29.38
N ASP A 235 8.49 12.16 30.11
CA ASP A 235 7.23 11.66 29.59
C ASP A 235 6.74 12.45 28.36
N GLU A 236 6.74 13.77 28.46
CA GLU A 236 6.28 14.64 27.37
C GLU A 236 6.80 14.32 25.98
N GLU A 237 8.00 13.76 25.91
CA GLU A 237 8.67 13.55 24.63
C GLU A 237 8.30 12.25 23.93
N ASN A 238 7.36 11.50 24.51
CA ASN A 238 6.86 10.28 23.89
C ASN A 238 5.50 10.52 23.34
N ILE A 239 5.17 11.79 23.15
CA ILE A 239 3.90 12.18 22.50
C ILE A 239 4.10 12.51 21.02
N ASP A 240 3.16 12.12 20.17
CA ASP A 240 3.09 12.75 18.85
C ASP A 240 2.43 14.12 19.03
N TRP A 241 3.24 15.14 19.20
CA TRP A 241 2.78 16.49 19.40
C TRP A 241 1.97 17.03 18.22
N THR A 242 2.15 16.44 17.05
CA THR A 242 1.36 16.87 15.87
C THR A 242 -0.09 16.38 15.83
N LYS A 243 -0.45 15.43 16.70
CA LYS A 243 -1.83 14.88 16.68
C LYS A 243 -2.62 15.23 17.93
N ILE A 244 -2.02 15.97 18.85
CA ILE A 244 -2.71 16.54 20.01
C ILE A 244 -3.96 17.30 19.52
N GLU A 245 -5.07 17.16 20.22
CA GLU A 245 -6.29 17.91 19.87
C GLU A 245 -6.30 19.24 20.65
N PRO A 246 -6.50 20.38 19.97
CA PRO A 246 -6.50 21.64 20.72
C PRO A 246 -7.50 21.53 21.87
N SER A 247 -7.09 21.93 23.07
CA SER A 247 -7.98 21.73 24.21
C SER A 247 -7.71 22.72 25.31
N VAL A 248 -8.64 22.81 26.27
CA VAL A 248 -8.57 23.76 27.38
C VAL A 248 -8.78 23.07 28.73
N ASN A 249 -8.35 23.74 29.80
CA ASN A 249 -8.54 23.21 31.16
C ASN A 249 -7.80 21.89 31.41
N PHE A 250 -6.58 21.85 30.87
CA PHE A 250 -5.56 20.77 30.88
C PHE A 250 -5.64 19.88 29.64
N GLU B 4 18.22 5.54 30.71
CA GLU B 4 17.79 6.30 31.91
C GLU B 4 16.36 5.99 32.34
N HIS B 5 15.38 6.11 31.44
CA HIS B 5 13.98 5.75 31.79
C HIS B 5 13.46 4.57 31.00
N LEU B 6 13.18 3.47 31.68
CA LEU B 6 12.54 2.33 31.03
C LEU B 6 11.13 2.73 30.66
N LYS B 7 10.68 2.40 29.45
CA LYS B 7 9.32 2.72 29.01
C LYS B 7 8.47 1.47 28.82
N ARG B 8 7.50 1.28 29.71
CA ARG B 8 6.62 0.10 29.69
C ARG B 8 5.76 -0.07 28.42
N GLU B 9 5.40 1.01 27.76
CA GLU B 9 4.52 0.91 26.57
C GLU B 9 5.22 0.27 25.32
N HIS B 10 6.55 0.31 25.31
CA HIS B 10 7.37 -0.32 24.27
C HIS B 10 8.26 -1.41 24.87
N SER B 11 7.77 -2.02 25.94
CA SER B 11 8.50 -3.12 26.46
C SER B 11 7.67 -4.37 26.43
N LEU B 12 8.37 -5.50 26.33
CA LEU B 12 7.74 -6.81 26.23
C LEU B 12 8.32 -7.66 27.35
N ILE B 13 7.48 -7.94 28.36
CA ILE B 13 7.90 -8.64 29.57
C ILE B 13 6.93 -9.76 29.97
N LYS B 14 7.49 -10.87 30.46
CA LYS B 14 6.68 -11.99 30.97
C LYS B 14 5.68 -11.46 32.00
N PRO B 15 4.41 -11.89 31.91
CA PRO B 15 3.80 -12.91 31.05
C PRO B 15 3.18 -12.40 29.75
N TYR B 16 3.61 -11.21 29.32
CA TYR B 16 3.28 -10.69 27.99
C TYR B 16 1.78 -10.36 27.76
N GLN B 17 1.08 -9.97 28.83
CA GLN B 17 -0.35 -9.67 28.72
C GLN B 17 -0.77 -8.17 28.78
N GLY B 18 0.17 -7.27 29.09
CA GLY B 18 -0.13 -5.83 29.31
C GLY B 18 -0.38 -4.96 28.09
N MET B 24 -6.85 -2.63 25.04
CA MET B 24 -5.65 -2.25 24.28
C MET B 24 -4.35 -3.04 24.67
N PRO B 25 -4.14 -4.24 24.08
CA PRO B 25 -2.92 -5.06 24.25
C PRO B 25 -1.64 -4.47 23.62
N LEU B 26 -0.56 -4.43 24.41
CA LEU B 26 0.68 -3.75 24.02
C LEU B 26 1.43 -4.33 22.83
N TRP B 27 1.31 -5.64 22.63
CA TRP B 27 1.96 -6.32 21.55
C TRP B 27 1.00 -7.25 20.83
N ASP B 28 1.21 -7.41 19.53
CA ASP B 28 0.40 -8.32 18.74
C ASP B 28 1.35 -9.30 18.04
N PHE B 29 0.82 -10.47 17.72
CA PHE B 29 1.64 -11.51 17.14
C PHE B 29 0.91 -12.19 15.99
N GLN B 30 1.67 -12.94 15.21
CA GLN B 30 1.17 -13.48 13.96
C GLN B 30 1.99 -14.71 13.54
N GLY B 31 1.41 -15.52 12.66
CA GLY B 31 2.10 -16.70 12.16
C GLY B 31 2.31 -17.73 13.24
N SER B 32 3.51 -18.25 13.34
CA SER B 32 3.74 -19.42 14.17
C SER B 32 3.96 -19.07 15.64
N THR B 33 3.90 -17.79 15.99
CA THR B 33 4.19 -17.33 17.35
C THR B 33 3.25 -17.90 18.43
N ILE B 34 3.82 -18.27 19.57
CA ILE B 34 3.04 -18.62 20.76
C ILE B 34 3.64 -17.89 21.96
N LEU B 35 2.79 -17.48 22.90
CA LEU B 35 3.28 -16.98 24.20
C LEU B 35 3.18 -18.09 25.23
N THR B 36 4.27 -18.28 25.97
CA THR B 36 4.21 -19.05 27.18
C THR B 36 4.43 -18.09 28.31
N SER B 37 4.62 -18.64 29.51
CA SER B 37 4.73 -17.85 30.69
C SER B 37 6.14 -17.36 30.84
N GLN B 38 7.08 -18.04 30.19
CA GLN B 38 8.46 -17.65 30.40
C GLN B 38 9.14 -17.13 29.16
N TYR B 39 8.50 -17.24 28.01
CA TYR B 39 9.15 -16.79 26.77
C TYR B 39 8.19 -16.60 25.61
N VAL B 40 8.53 -15.68 24.69
CA VAL B 40 7.78 -15.64 23.43
C VAL B 40 8.49 -16.49 22.42
N ARG B 41 7.81 -17.50 21.90
CA ARG B 41 8.46 -18.35 20.91
C ARG B 41 7.96 -17.94 19.55
N LEU B 42 8.88 -17.42 18.77
CA LEU B 42 8.60 -16.96 17.42
C LEU B 42 8.42 -18.12 16.43
N THR B 43 9.32 -19.11 16.49
CA THR B 43 9.17 -20.36 15.70
C THR B 43 9.52 -21.56 16.53
N PRO B 44 8.81 -22.68 16.31
CA PRO B 44 9.35 -23.90 16.91
C PRO B 44 10.48 -24.43 16.02
N ASP B 45 11.05 -25.56 16.41
CA ASP B 45 12.16 -26.18 15.72
C ASP B 45 11.57 -27.06 14.61
N GLU B 46 11.00 -26.41 13.62
CA GLU B 46 10.24 -27.09 12.58
C GLU B 46 10.35 -26.31 11.30
N ARG B 47 10.49 -27.02 10.19
CA ARG B 47 10.69 -26.40 8.89
C ARG B 47 9.58 -25.41 8.51
N SER B 48 9.91 -24.46 7.63
CA SER B 48 8.96 -23.46 7.09
C SER B 48 8.06 -22.72 8.10
N LYS B 49 8.65 -22.27 9.20
CA LYS B 49 7.92 -21.48 10.19
C LYS B 49 8.33 -20.00 10.23
N GLU B 50 7.34 -19.15 10.46
CA GLU B 50 7.54 -17.70 10.53
C GLU B 50 6.64 -17.09 11.57
N GLY B 51 7.21 -16.31 12.49
CA GLY B 51 6.40 -15.64 13.50
C GLY B 51 6.97 -14.30 13.85
N SER B 52 6.09 -13.36 14.14
CA SER B 52 6.51 -12.01 14.57
C SER B 52 5.73 -11.63 15.84
N ILE B 53 6.30 -10.72 16.66
CA ILE B 53 5.55 -9.97 17.68
C ILE B 53 5.80 -8.47 17.40
N TRP B 54 4.75 -7.67 17.47
CA TRP B 54 4.83 -6.27 17.11
C TRP B 54 4.13 -5.36 18.09
N ASN B 55 4.88 -4.38 18.56
CA ASN B 55 4.41 -3.40 19.51
C ASN B 55 3.31 -2.58 18.83
N HIS B 56 2.25 -2.30 19.57
CA HIS B 56 1.05 -1.66 19.03
C HIS B 56 1.15 -0.13 19.03
N GLN B 57 1.89 0.39 20.00
CA GLN B 57 2.13 1.82 20.16
C GLN B 57 3.30 2.27 19.28
N PRO B 58 3.10 3.32 18.45
CA PRO B 58 4.25 3.96 17.78
C PRO B 58 5.16 4.61 18.80
N CYS B 59 6.46 4.57 18.53
CA CYS B 59 7.40 5.19 19.44
C CYS B 59 7.89 6.52 18.89
N PHE B 60 7.87 7.54 19.74
CA PHE B 60 8.18 8.90 19.36
C PHE B 60 9.44 9.44 20.06
N LEU B 61 10.23 8.51 20.61
CA LEU B 61 11.50 8.89 21.20
C LEU B 61 12.54 9.09 20.11
N LYS B 62 13.33 10.17 20.23
CA LYS B 62 14.39 10.47 19.30
C LYS B 62 15.65 9.67 19.61
N ASP B 63 15.85 9.40 20.92
CA ASP B 63 17.03 8.70 21.42
C ASP B 63 16.63 7.58 22.37
N TRP B 64 17.08 6.35 22.07
CA TRP B 64 16.62 5.20 22.82
C TRP B 64 17.59 4.06 22.79
N GLU B 65 17.37 3.09 23.67
CA GLU B 65 18.20 1.91 23.80
C GLU B 65 17.33 0.67 24.11
N MET B 66 17.30 -0.26 23.16
CA MET B 66 16.55 -1.49 23.31
C MET B 66 17.46 -2.63 23.79
N HIS B 67 17.15 -3.16 24.98
CA HIS B 67 17.83 -4.35 25.48
C HIS B 67 16.96 -5.55 25.17
N VAL B 68 17.51 -6.50 24.41
CA VAL B 68 16.79 -7.71 24.07
C VAL B 68 17.40 -8.94 24.74
N HIS B 69 16.61 -9.56 25.61
CA HIS B 69 16.90 -10.91 26.05
C HIS B 69 16.30 -11.90 25.04
N PHE B 70 17.13 -12.71 24.38
CA PHE B 70 16.62 -13.69 23.40
C PHE B 70 17.27 -15.04 23.60
N LYS B 71 16.68 -16.09 23.05
CA LYS B 71 17.35 -17.39 23.07
C LYS B 71 17.12 -18.15 21.76
N VAL B 72 18.20 -18.50 21.10
CA VAL B 72 18.13 -19.32 19.89
C VAL B 72 18.80 -20.66 20.16
N HIS B 73 18.09 -21.74 19.88
CA HIS B 73 18.52 -23.08 20.29
C HIS B 73 17.83 -24.20 19.51
N GLY B 74 18.54 -25.31 19.34
CA GLY B 74 18.00 -26.48 18.66
C GLY B 74 19.03 -27.56 18.52
N THR B 75 18.78 -28.49 17.61
CA THR B 75 19.50 -29.77 17.59
C THR B 75 20.11 -30.18 16.24
N ASN B 79 26.28 -27.59 11.72
CA ASN B 79 25.99 -26.51 10.75
C ASN B 79 24.53 -26.49 10.20
N LEU B 80 23.67 -27.36 10.73
CA LEU B 80 22.38 -27.62 10.10
C LEU B 80 21.18 -27.01 10.83
N HIS B 81 21.21 -25.69 11.03
CA HIS B 81 20.13 -24.98 11.69
C HIS B 81 19.86 -23.63 11.03
N GLY B 82 18.69 -23.04 11.27
CA GLY B 82 18.37 -21.70 10.74
C GLY B 82 17.01 -21.18 11.13
N ASP B 83 16.62 -19.99 10.66
CA ASP B 83 17.44 -19.06 9.88
C ASP B 83 17.93 -17.89 10.73
N GLY B 84 17.19 -17.53 11.76
CA GLY B 84 17.63 -16.47 12.63
C GLY B 84 16.54 -15.52 13.07
N ILE B 85 16.94 -14.49 13.82
CA ILE B 85 15.98 -13.50 14.32
C ILE B 85 16.25 -12.14 13.73
N ALA B 86 15.18 -11.44 13.39
CA ALA B 86 15.26 -10.05 13.02
C ALA B 86 14.53 -9.19 14.05
N LEU B 87 15.19 -8.11 14.45
CA LEU B 87 14.59 -7.08 15.28
C LEU B 87 14.35 -5.82 14.42
N TRP B 88 13.23 -5.15 14.68
CA TRP B 88 12.76 -4.10 13.77
C TRP B 88 12.38 -2.83 14.46
N TYR B 89 12.74 -1.73 13.84
CA TYR B 89 12.06 -0.44 14.08
C TYR B 89 11.66 0.08 12.71
N THR B 90 10.41 -0.18 12.32
CA THR B 90 9.98 0.06 10.97
C THR B 90 8.64 0.73 10.84
N ARG B 91 8.32 1.12 9.61
CA ARG B 91 7.09 1.84 9.37
C ARG B 91 5.90 0.92 9.47
N ASP B 92 6.01 -0.26 8.86
CA ASP B 92 4.88 -1.19 8.77
C ASP B 92 5.05 -2.28 9.79
N ARG B 93 3.99 -2.55 10.55
CA ARG B 93 3.97 -3.60 11.56
C ARG B 93 3.08 -4.76 11.11
N LEU B 94 3.31 -5.94 11.67
CA LEU B 94 2.45 -7.10 11.45
C LEU B 94 2.23 -7.47 10.00
N VAL B 95 3.28 -7.37 9.18
CA VAL B 95 3.18 -7.79 7.80
C VAL B 95 4.15 -8.94 7.61
N PRO B 96 3.63 -10.09 7.21
CA PRO B 96 4.53 -11.23 7.07
C PRO B 96 5.31 -11.16 5.73
N GLY B 97 6.37 -11.93 5.62
CA GLY B 97 7.23 -11.86 4.47
C GLY B 97 8.47 -12.67 4.66
N PRO B 98 9.28 -12.77 3.60
CA PRO B 98 10.39 -13.71 3.57
C PRO B 98 11.62 -13.23 4.31
N VAL B 99 11.59 -12.07 4.94
CA VAL B 99 12.81 -11.60 5.65
C VAL B 99 12.74 -11.96 7.14
N PHE B 100 13.29 -13.13 7.47
CA PHE B 100 13.13 -13.71 8.80
C PHE B 100 11.69 -13.54 9.29
N GLY B 101 10.73 -13.75 8.39
CA GLY B 101 9.31 -13.69 8.74
C GLY B 101 8.61 -12.34 8.69
N SER B 102 9.25 -11.29 8.15
CA SER B 102 8.53 -10.02 7.95
C SER B 102 8.71 -9.49 6.52
N LYS B 103 7.89 -8.52 6.11
CA LYS B 103 8.00 -7.95 4.73
C LYS B 103 9.41 -7.49 4.30
N ASP B 104 9.73 -7.79 3.05
CA ASP B 104 10.87 -7.20 2.38
C ASP B 104 10.50 -5.76 2.03
N ASN B 105 11.49 -5.00 1.57
CA ASN B 105 11.28 -3.64 1.06
C ASN B 105 10.60 -2.77 2.09
N PHE B 106 11.17 -2.83 3.29
CA PHE B 106 10.62 -2.23 4.47
C PHE B 106 11.26 -0.87 4.73
N HIS B 107 10.57 -0.05 5.53
CA HIS B 107 11.02 1.31 5.85
C HIS B 107 11.52 1.39 7.29
N GLY B 108 12.80 1.71 7.46
CA GLY B 108 13.40 1.83 8.77
C GLY B 108 14.57 0.89 9.04
N LEU B 109 14.62 0.36 10.26
CA LEU B 109 15.83 -0.30 10.75
C LEU B 109 15.69 -1.80 11.05
N ALA B 110 16.62 -2.59 10.55
CA ALA B 110 16.63 -4.02 10.83
C ALA B 110 17.96 -4.43 11.43
N ILE B 111 17.90 -5.18 12.54
CA ILE B 111 19.06 -5.88 13.06
C ILE B 111 18.76 -7.36 12.83
N PHE B 112 19.67 -8.02 12.14
CA PHE B 112 19.48 -9.42 11.77
C PHE B 112 20.43 -10.28 12.58
N LEU B 113 19.88 -11.33 13.17
CA LEU B 113 20.69 -12.29 13.92
C LEU B 113 20.62 -13.59 13.12
N ASP B 114 21.58 -13.73 12.21
CA ASP B 114 21.57 -14.74 11.16
C ASP B 114 22.44 -15.93 11.57
N THR B 115 21.87 -17.13 11.47
CA THR B 115 22.54 -18.34 11.98
C THR B 115 23.10 -19.21 10.86
N TYR B 116 22.55 -19.07 9.66
CA TYR B 116 22.91 -19.95 8.57
C TYR B 116 23.49 -19.27 7.32
N PRO B 117 24.67 -19.72 6.87
CA PRO B 117 25.26 -19.24 5.61
C PRO B 117 24.48 -19.71 4.42
N ASN B 118 23.69 -18.83 3.81
CA ASN B 118 23.06 -19.14 2.55
C ASN B 118 24.08 -19.11 1.41
N ASP B 119 25.16 -18.37 1.63
CA ASP B 119 26.16 -18.09 0.60
C ASP B 119 27.23 -19.16 0.72
N GLU B 120 27.18 -20.12 -0.18
CA GLU B 120 28.09 -21.27 -0.11
C GLU B 120 29.59 -20.93 -0.18
N THR B 121 29.95 -19.94 -1.00
CA THR B 121 31.38 -19.49 -1.15
C THR B 121 31.95 -18.63 0.01
N THR B 122 31.19 -18.42 1.09
CA THR B 122 31.49 -17.33 2.04
C THR B 122 32.68 -17.53 2.97
N GLU B 123 33.37 -16.43 3.26
CA GLU B 123 34.42 -16.36 4.25
C GLU B 123 33.86 -15.96 5.62
N ARG B 124 32.63 -15.46 5.61
CA ARG B 124 32.02 -14.97 6.82
C ARG B 124 31.81 -16.07 7.90
N VAL B 125 32.08 -15.73 9.15
CA VAL B 125 31.90 -16.65 10.26
C VAL B 125 30.55 -16.42 10.94
N PHE B 126 29.70 -17.42 10.87
CA PHE B 126 28.39 -17.38 11.48
C PHE B 126 28.36 -17.98 12.88
N PRO B 127 27.36 -17.61 13.71
CA PRO B 127 26.27 -16.65 13.51
C PRO B 127 26.75 -15.21 13.33
N TYR B 128 26.13 -14.48 12.40
CA TYR B 128 26.55 -13.09 12.08
C TYR B 128 25.44 -12.07 12.38
N ILE B 129 25.80 -11.00 13.07
CA ILE B 129 24.83 -9.92 13.33
C ILE B 129 25.14 -8.70 12.46
N SER B 130 24.11 -8.21 11.77
CA SER B 130 24.29 -7.06 10.89
C SER B 130 23.11 -6.13 11.05
N VAL B 131 23.22 -4.90 10.53
CA VAL B 131 22.11 -3.96 10.45
C VAL B 131 21.86 -3.47 9.06
N MET B 132 20.60 -3.25 8.74
CA MET B 132 20.24 -2.78 7.43
C MET B 132 19.29 -1.62 7.67
N VAL B 133 19.48 -0.52 6.93
CA VAL B 133 18.57 0.60 6.93
C VAL B 133 17.94 0.69 5.56
N ASN B 134 16.63 0.95 5.53
CA ASN B 134 15.91 0.81 4.28
C ASN B 134 14.85 1.90 4.17
N ASN B 135 14.65 2.40 2.96
CA ASN B 135 13.63 3.42 2.65
C ASN B 135 12.58 2.83 1.72
N GLY B 136 12.51 1.51 1.67
CA GLY B 136 11.55 0.78 0.84
C GLY B 136 12.13 0.40 -0.52
N SER B 137 13.35 0.86 -0.82
CA SER B 137 13.87 0.63 -2.13
C SER B 137 14.70 -0.63 -2.15
N LEU B 138 15.05 -1.17 -0.97
CA LEU B 138 16.00 -2.30 -0.92
C LEU B 138 15.34 -3.62 -0.64
N SER B 139 15.84 -4.64 -1.31
CA SER B 139 15.39 -6.00 -1.17
C SER B 139 16.49 -6.74 -0.46
N TYR B 140 16.18 -7.34 0.68
CA TYR B 140 17.16 -8.10 1.42
C TYR B 140 17.63 -9.27 0.58
N ASP B 141 18.92 -9.29 0.23
CA ASP B 141 19.53 -10.37 -0.57
C ASP B 141 19.77 -11.61 0.27
N HIS B 142 18.73 -12.43 0.37
CA HIS B 142 18.73 -13.56 1.28
C HIS B 142 19.80 -14.61 0.96
N SER B 143 19.91 -14.98 -0.31
CA SER B 143 20.87 -16.00 -0.71
C SER B 143 22.32 -15.57 -0.47
N LYS B 144 22.51 -14.29 -0.13
CA LYS B 144 23.83 -13.72 0.12
C LYS B 144 24.03 -13.24 1.54
N ASP B 145 23.11 -13.61 2.43
CA ASP B 145 23.16 -13.23 3.86
C ASP B 145 23.18 -11.70 4.04
N GLY B 146 22.42 -11.01 3.19
CA GLY B 146 22.28 -9.55 3.17
C GLY B 146 23.56 -8.77 2.96
N ARG B 147 24.50 -9.33 2.21
CA ARG B 147 25.83 -8.75 2.17
C ARG B 147 25.89 -7.38 1.49
N TRP B 148 25.20 -7.25 0.35
CA TRP B 148 25.20 -6.01 -0.41
C TRP B 148 24.15 -4.99 0.04
N THR B 149 23.38 -5.27 1.07
CA THR B 149 22.42 -4.29 1.58
C THR B 149 22.69 -3.85 3.03
N GLU B 150 23.62 -4.52 3.71
CA GLU B 150 23.87 -4.24 5.11
C GLU B 150 24.79 -3.01 5.30
N LEU B 151 24.82 -2.49 6.52
CA LEU B 151 25.64 -1.32 6.82
C LEU B 151 26.93 -1.69 7.54
N ALA B 152 26.84 -2.68 8.42
CA ALA B 152 27.95 -3.13 9.25
C ALA B 152 27.52 -4.41 9.97
N GLY B 153 28.47 -5.13 10.54
CA GLY B 153 28.12 -6.31 11.31
C GLY B 153 29.30 -6.96 12.00
N CYS B 154 29.00 -7.90 12.90
CA CYS B 154 30.03 -8.65 13.61
C CYS B 154 29.58 -10.09 13.72
N THR B 155 30.56 -10.99 13.82
CA THR B 155 30.31 -12.38 14.14
C THR B 155 29.97 -12.49 15.61
N ALA B 156 28.96 -13.28 15.93
CA ALA B 156 28.53 -13.39 17.31
C ALA B 156 28.11 -14.81 17.68
N ASP B 157 28.81 -15.39 18.64
CA ASP B 157 28.55 -16.74 19.10
C ASP B 157 27.35 -16.79 20.08
N PHE B 158 26.13 -16.76 19.57
CA PHE B 158 24.96 -16.65 20.45
C PHE B 158 24.01 -17.86 20.45
N ARG B 159 24.28 -18.86 19.64
CA ARG B 159 23.42 -20.03 19.59
C ARG B 159 23.78 -21.04 20.69
N ASN B 160 22.78 -21.77 21.19
CA ASN B 160 22.98 -22.86 22.17
C ASN B 160 23.97 -22.54 23.28
N ARG B 161 23.77 -21.41 23.96
CA ARG B 161 24.68 -21.03 25.04
C ARG B 161 24.25 -21.57 26.41
N ASP B 162 25.22 -21.71 27.30
CA ASP B 162 24.99 -22.28 28.64
C ASP B 162 24.36 -21.26 29.60
N HIS B 163 23.90 -20.15 29.02
CA HIS B 163 23.43 -19.00 29.80
C HIS B 163 22.60 -18.02 28.95
N ASP B 164 21.97 -17.07 29.63
CA ASP B 164 21.19 -16.04 29.02
C ASP B 164 21.98 -15.25 27.97
N THR B 165 21.41 -15.06 26.79
CA THR B 165 22.05 -14.23 25.76
C THR B 165 21.28 -12.93 25.55
N PHE B 166 22.01 -11.81 25.59
CA PHE B 166 21.43 -10.47 25.52
C PHE B 166 22.06 -9.61 24.43
N LEU B 167 21.22 -8.79 23.80
CA LEU B 167 21.65 -7.78 22.83
C LEU B 167 21.19 -6.40 23.28
N ALA B 168 22.00 -5.38 23.00
CA ALA B 168 21.60 -3.98 23.15
C ALA B 168 21.65 -3.26 21.81
N VAL B 169 20.57 -2.62 21.42
CA VAL B 169 20.61 -1.72 20.27
C VAL B 169 20.39 -0.30 20.74
N ARG B 170 21.38 0.56 20.51
CA ARG B 170 21.30 1.96 20.88
C ARG B 170 21.16 2.92 19.68
N TYR B 171 20.25 3.88 19.77
CA TYR B 171 20.13 4.89 18.72
C TYR B 171 19.92 6.30 19.25
N SER B 172 20.65 7.25 18.66
CA SER B 172 20.74 8.64 19.13
C SER B 172 21.61 9.51 18.21
N ARG B 173 21.01 10.58 17.68
CA ARG B 173 21.76 11.60 16.94
C ARG B 173 22.60 10.97 15.82
N GLY B 174 21.93 10.23 14.96
CA GLY B 174 22.60 9.57 13.85
C GLY B 174 23.46 8.38 14.23
N ARG B 175 23.62 8.11 15.51
CA ARG B 175 24.53 7.05 15.91
C ARG B 175 23.83 5.74 16.22
N LEU B 176 24.32 4.66 15.62
CA LEU B 176 23.70 3.37 15.85
C LEU B 176 24.70 2.35 16.30
N THR B 177 24.49 1.88 17.52
CA THR B 177 25.39 1.01 18.23
C THR B 177 24.68 -0.30 18.57
N VAL B 178 25.25 -1.43 18.14
CA VAL B 178 24.77 -2.71 18.59
C VAL B 178 25.83 -3.39 19.45
N MET B 179 25.45 -3.83 20.65
CA MET B 179 26.40 -4.46 21.57
C MET B 179 25.85 -5.77 22.11
N THR B 180 26.75 -6.73 22.33
CA THR B 180 26.31 -8.06 22.75
C THR B 180 26.76 -8.36 24.16
N ASP B 181 25.95 -9.16 24.85
CA ASP B 181 26.30 -9.73 26.15
C ASP B 181 25.99 -11.23 26.12
N LEU B 182 26.97 -12.02 25.69
CA LEU B 182 26.78 -13.45 25.47
C LEU B 182 27.65 -14.41 26.33
N GLU B 183 28.45 -13.89 27.25
CA GLU B 183 29.15 -14.74 28.23
C GLU B 183 28.79 -14.40 29.71
N ASP B 184 29.54 -13.54 30.38
CA ASP B 184 29.11 -12.97 31.68
C ASP B 184 29.72 -11.60 32.05
N LYS B 185 28.84 -10.63 32.33
CA LYS B 185 29.16 -9.32 32.95
C LYS B 185 27.89 -8.45 33.01
N TRP B 188 28.90 -5.90 28.16
CA TRP B 188 28.66 -5.45 26.80
C TRP B 188 29.93 -5.49 25.96
N LYS B 189 29.79 -6.00 24.74
CA LYS B 189 30.90 -6.18 23.85
C LYS B 189 30.57 -5.56 22.47
N ASN B 190 31.46 -4.70 21.99
CA ASN B 190 31.40 -4.14 20.63
C ASN B 190 30.97 -5.12 19.53
N CYS B 191 29.99 -4.69 18.76
CA CYS B 191 29.56 -5.43 17.58
C CYS B 191 29.43 -4.47 16.39
N ILE B 192 28.51 -3.51 16.50
CA ILE B 192 28.30 -2.49 15.47
C ILE B 192 28.33 -1.10 16.07
N ASP B 193 29.03 -0.19 15.38
CA ASP B 193 29.09 1.20 15.81
C ASP B 193 29.20 2.08 14.58
N ILE B 194 28.10 2.72 14.20
CA ILE B 194 28.12 3.55 12.99
C ILE B 194 27.32 4.82 13.15
N THR B 195 27.65 5.83 12.34
CA THR B 195 27.00 7.13 12.34
C THR B 195 26.44 7.43 10.94
N GLY B 196 25.70 8.53 10.81
CA GLY B 196 25.07 8.94 9.54
C GLY B 196 23.74 8.27 9.26
N VAL B 197 23.16 7.63 10.26
CA VAL B 197 21.91 6.91 10.08
C VAL B 197 20.75 7.85 10.44
N ARG B 198 19.83 8.02 9.51
CA ARG B 198 18.72 8.92 9.76
C ARG B 198 17.46 8.09 9.84
N LEU B 199 16.74 8.18 10.97
CA LEU B 199 15.48 7.46 11.13
C LEU B 199 14.40 8.38 11.64
N PRO B 200 13.14 8.16 11.23
CA PRO B 200 12.10 8.98 11.83
C PRO B 200 11.55 8.41 13.14
N THR B 201 10.67 9.17 13.78
CA THR B 201 9.94 8.73 14.94
C THR B 201 8.59 8.27 14.41
N GLY B 202 7.81 7.60 15.25
CA GLY B 202 6.50 7.13 14.85
C GLY B 202 6.49 5.78 14.17
N TYR B 203 7.63 5.09 14.22
CA TYR B 203 7.72 3.70 13.76
C TYR B 203 7.51 2.73 14.94
N TYR B 204 7.57 1.43 14.64
CA TYR B 204 7.24 0.37 15.62
C TYR B 204 8.39 -0.59 15.89
N PHE B 205 8.55 -0.99 17.14
CA PHE B 205 9.50 -2.05 17.43
C PHE B 205 8.88 -3.38 17.13
N GLY B 206 9.72 -4.32 16.72
CA GLY B 206 9.24 -5.66 16.42
C GLY B 206 10.33 -6.71 16.47
N ALA B 207 9.90 -7.96 16.51
CA ALA B 207 10.82 -9.06 16.47
C ALA B 207 10.20 -10.17 15.65
N SER B 208 10.99 -10.81 14.80
CA SER B 208 10.45 -11.93 14.05
C SER B 208 11.52 -12.97 13.82
N ALA B 209 11.11 -14.12 13.35
CA ALA B 209 12.06 -15.17 13.04
C ALA B 209 11.47 -16.04 11.96
N GLY B 210 12.34 -16.74 11.25
CA GLY B 210 11.96 -17.65 10.21
C GLY B 210 12.79 -18.91 10.20
N THR B 211 12.20 -19.97 9.64
CA THR B 211 12.90 -21.23 9.35
C THR B 211 12.52 -21.62 7.91
N GLY B 212 13.47 -22.26 7.20
CA GLY B 212 13.25 -22.79 5.87
C GLY B 212 13.38 -24.30 5.90
N ASP B 213 14.31 -24.84 5.12
CA ASP B 213 14.56 -26.29 5.14
C ASP B 213 15.33 -26.63 6.42
N LEU B 214 15.95 -25.62 7.03
CA LEU B 214 16.59 -25.76 8.35
C LEU B 214 15.82 -24.95 9.42
N SER B 215 15.96 -25.34 10.68
CA SER B 215 15.14 -24.78 11.75
C SER B 215 15.89 -24.59 13.04
N ASP B 216 15.14 -24.13 14.03
CA ASP B 216 15.65 -23.73 15.35
C ASP B 216 14.48 -23.17 16.20
N ASN B 217 14.61 -23.23 17.53
CA ASN B 217 13.71 -22.49 18.40
C ASN B 217 14.19 -21.04 18.45
N HIS B 218 13.28 -20.11 18.25
CA HIS B 218 13.63 -18.71 18.28
C HIS B 218 12.75 -17.99 19.27
N ASP B 219 13.34 -17.58 20.38
CA ASP B 219 12.58 -17.07 21.51
C ASP B 219 13.01 -15.66 21.90
N ILE B 220 12.02 -14.85 22.26
CA ILE B 220 12.27 -13.60 22.96
C ILE B 220 11.77 -13.77 24.38
N ILE B 221 12.65 -13.59 25.35
CA ILE B 221 12.19 -13.66 26.72
C ILE B 221 11.77 -12.26 27.20
N SER B 222 12.53 -11.24 26.79
CA SER B 222 12.14 -9.86 27.08
C SER B 222 12.77 -8.84 26.15
N MET B 223 11.97 -7.84 25.79
CA MET B 223 12.46 -6.61 25.17
C MET B 223 12.18 -5.43 26.10
N LYS B 224 13.20 -4.63 26.37
CA LYS B 224 13.11 -3.56 27.37
C LYS B 224 13.64 -2.29 26.75
N LEU B 225 12.80 -1.28 26.68
CA LEU B 225 13.12 -0.08 25.92
C LEU B 225 13.32 1.12 26.83
N PHE B 226 14.54 1.67 26.77
CA PHE B 226 14.97 2.76 27.64
C PHE B 226 14.97 4.09 26.91
N GLN B 227 14.32 5.08 27.50
CA GLN B 227 14.39 6.43 27.02
C GLN B 227 15.70 7.02 27.45
N LEU B 228 16.42 7.65 26.53
CA LEU B 228 17.62 8.36 26.89
C LEU B 228 17.36 9.87 26.94
N MET B 229 17.95 10.56 27.92
CA MET B 229 17.87 12.04 28.01
C MET B 229 19.06 12.62 27.29
N VAL B 230 18.81 13.29 26.16
CA VAL B 230 19.88 13.83 25.32
C VAL B 230 19.57 15.26 24.88
N GLU B 231 20.59 16.12 24.84
CA GLU B 231 20.44 17.50 24.38
C GLU B 231 20.36 17.55 22.86
N HIS B 232 19.37 18.27 22.33
CA HIS B 232 19.31 18.52 20.88
C HIS B 232 19.60 19.99 20.57
N THR B 233 20.09 20.25 19.35
CA THR B 233 20.31 21.62 18.90
C THR B 233 18.96 22.36 18.74
N PRO B 234 18.97 23.70 18.78
CA PRO B 234 17.76 24.44 18.44
C PRO B 234 17.13 24.03 17.11
N ASP B 235 17.96 23.80 16.09
CA ASP B 235 17.49 23.48 14.74
C ASP B 235 16.78 22.12 14.64
N GLU B 236 17.21 21.17 15.48
CA GLU B 236 16.64 19.81 15.46
C GLU B 236 15.22 19.78 16.02
N GLU B 237 14.83 20.88 16.67
CA GLU B 237 13.53 20.92 17.34
C GLU B 237 12.48 21.70 16.55
N ASN B 238 12.80 22.05 15.30
CA ASN B 238 11.83 22.69 14.40
C ASN B 238 11.59 21.87 13.14
N ILE B 239 11.82 20.57 13.24
CA ILE B 239 11.43 19.72 12.15
C ILE B 239 10.40 18.69 12.58
N ASP B 240 9.63 18.19 11.62
CA ASP B 240 8.70 17.08 11.85
C ASP B 240 9.49 15.77 11.77
N TRP B 241 9.92 15.25 12.91
CA TRP B 241 10.70 13.99 12.91
C TRP B 241 9.88 12.80 12.38
N THR B 242 8.56 12.92 12.34
CA THR B 242 7.72 11.85 11.82
C THR B 242 7.73 11.71 10.31
N LYS B 243 8.25 12.69 9.58
CA LYS B 243 8.27 12.65 8.09
C LYS B 243 9.68 12.55 7.50
N ILE B 244 10.66 12.41 8.36
CA ILE B 244 12.01 12.05 7.96
C ILE B 244 11.92 10.76 7.13
N GLU B 245 12.57 10.72 5.96
CA GLU B 245 12.71 9.42 5.27
C GLU B 245 13.93 8.73 5.88
N PRO B 246 13.84 7.41 6.14
CA PRO B 246 14.99 6.72 6.70
C PRO B 246 16.09 6.80 5.68
N SER B 247 17.31 7.04 6.13
CA SER B 247 18.42 7.34 5.26
C SER B 247 19.74 6.90 5.89
N VAL B 248 20.80 6.92 5.07
CA VAL B 248 22.15 6.53 5.46
C VAL B 248 23.19 7.52 4.98
N ASN B 249 24.32 7.57 5.69
CA ASN B 249 25.43 8.48 5.36
C ASN B 249 24.96 9.93 5.45
N PHE B 250 24.37 10.26 6.61
CA PHE B 250 23.86 11.60 6.99
C PHE B 250 22.32 11.59 7.01
N HIS C 5 19.37 -72.33 -0.25
CA HIS C 5 18.15 -71.72 -0.87
C HIS C 5 18.19 -70.19 -0.96
N LEU C 6 19.29 -69.59 -0.53
CA LEU C 6 19.48 -68.16 -0.66
C LEU C 6 20.16 -67.88 -1.99
N LYS C 7 19.84 -66.74 -2.63
CA LYS C 7 20.40 -66.43 -3.94
C LYS C 7 21.13 -65.12 -3.88
N ARG C 8 22.44 -65.20 -3.71
CA ARG C 8 23.30 -64.03 -3.55
C ARG C 8 23.12 -63.06 -4.71
N GLU C 9 22.85 -63.57 -5.91
CA GLU C 9 22.68 -62.68 -7.06
C GLU C 9 21.40 -61.79 -7.01
N HIS C 10 20.48 -62.11 -6.11
CA HIS C 10 19.26 -61.34 -5.97
C HIS C 10 19.17 -60.81 -4.54
N SER C 11 20.30 -60.84 -3.85
CA SER C 11 20.36 -60.35 -2.48
C SER C 11 21.25 -59.12 -2.35
N LEU C 12 20.90 -58.24 -1.42
CA LEU C 12 21.62 -57.00 -1.15
C LEU C 12 22.09 -57.05 0.27
N ILE C 13 23.41 -57.14 0.42
CA ILE C 13 24.00 -57.48 1.69
C ILE C 13 25.22 -56.60 1.99
N LYS C 14 25.45 -56.34 3.29
CA LYS C 14 26.69 -55.68 3.79
C LYS C 14 27.93 -56.35 3.22
N PRO C 15 28.82 -55.54 2.62
CA PRO C 15 28.78 -54.08 2.53
C PRO C 15 28.35 -53.50 1.16
N TYR C 16 27.55 -54.25 0.40
CA TYR C 16 26.96 -53.77 -0.86
C TYR C 16 28.03 -53.54 -1.94
N PRO C 25 28.43 -56.08 -11.28
CA PRO C 25 27.95 -55.28 -10.15
C PRO C 25 26.44 -55.46 -9.96
N LEU C 26 26.09 -56.14 -8.86
CA LEU C 26 24.77 -56.75 -8.63
C LEU C 26 23.57 -55.86 -8.35
N TRP C 27 23.81 -54.58 -8.02
CA TRP C 27 22.71 -53.63 -7.78
C TRP C 27 23.16 -52.29 -8.26
N ASP C 28 22.25 -51.53 -8.90
CA ASP C 28 22.54 -50.17 -9.33
C ASP C 28 21.59 -49.24 -8.61
N PHE C 29 22.04 -48.02 -8.36
CA PHE C 29 21.23 -47.07 -7.65
C PHE C 29 21.27 -45.73 -8.31
N GLN C 30 20.25 -44.91 -8.06
CA GLN C 30 20.18 -43.58 -8.65
C GLN C 30 19.41 -42.59 -7.73
N GLY C 31 19.43 -41.30 -8.09
CA GLY C 31 18.78 -40.23 -7.32
C GLY C 31 19.51 -39.92 -6.01
N SER C 32 18.74 -39.70 -4.95
CA SER C 32 19.31 -39.41 -3.62
C SER C 32 20.03 -40.61 -2.94
N THR C 33 19.89 -41.80 -3.49
CA THR C 33 20.44 -42.99 -2.85
C THR C 33 21.92 -42.86 -2.57
N ILE C 34 22.34 -43.34 -1.42
CA ILE C 34 23.71 -43.23 -0.95
C ILE C 34 24.00 -44.56 -0.30
N LEU C 35 25.18 -45.12 -0.55
CA LEU C 35 25.59 -46.35 0.09
C LEU C 35 26.52 -46.09 1.27
N THR C 36 26.29 -46.77 2.40
CA THR C 36 27.27 -46.75 3.49
C THR C 36 27.63 -48.16 3.93
N SER C 37 28.51 -48.27 4.92
CA SER C 37 28.94 -49.59 5.37
C SER C 37 27.81 -50.34 6.07
N GLN C 38 26.84 -49.62 6.62
CA GLN C 38 25.80 -50.23 7.46
C GLN C 38 24.43 -50.35 6.79
N TYR C 39 24.17 -49.54 5.79
CA TYR C 39 22.83 -49.47 5.20
C TYR C 39 22.89 -48.78 3.86
N VAL C 40 21.86 -49.02 3.03
CA VAL C 40 21.61 -48.18 1.87
C VAL C 40 20.53 -47.20 2.29
N ARG C 41 20.83 -45.92 2.19
CA ARG C 41 19.86 -44.90 2.49
C ARG C 41 19.30 -44.40 1.16
N LEU C 42 18.01 -44.65 0.90
CA LEU C 42 17.41 -44.26 -0.36
C LEU C 42 17.18 -42.75 -0.36
N THR C 43 16.65 -42.24 0.76
CA THR C 43 16.52 -40.79 0.96
C THR C 43 16.98 -40.38 2.35
N PRO C 44 17.62 -39.20 2.44
CA PRO C 44 17.92 -38.65 3.77
C PRO C 44 16.65 -37.97 4.27
N ASP C 45 16.65 -37.57 5.54
CA ASP C 45 15.54 -36.82 6.10
C ASP C 45 15.48 -35.36 5.57
N GLU C 46 15.33 -35.22 4.26
CA GLU C 46 15.25 -33.89 3.62
C GLU C 46 14.12 -33.88 2.61
N ARG C 47 13.61 -32.68 2.31
CA ARG C 47 12.43 -32.53 1.44
C ARG C 47 12.74 -32.78 -0.03
N SER C 48 11.73 -33.22 -0.79
CA SER C 48 11.83 -33.38 -2.25
C SER C 48 13.00 -34.24 -2.74
N LYS C 49 13.04 -35.47 -2.24
CA LYS C 49 14.11 -36.40 -2.57
C LYS C 49 13.50 -37.67 -3.18
N GLU C 50 14.27 -38.34 -4.04
CA GLU C 50 13.84 -39.57 -4.69
C GLU C 50 15.05 -40.45 -4.86
N GLY C 51 14.92 -41.70 -4.43
CA GLY C 51 16.05 -42.58 -4.48
C GLY C 51 15.61 -44.01 -4.64
N SER C 52 16.33 -44.75 -5.47
CA SER C 52 16.04 -46.17 -5.71
C SER C 52 17.31 -47.00 -5.77
N ILE C 53 17.14 -48.31 -5.60
CA ILE C 53 18.21 -49.26 -5.80
C ILE C 53 17.58 -50.50 -6.41
N TRP C 54 18.23 -51.00 -7.47
CA TRP C 54 17.68 -52.01 -8.37
C TRP C 54 18.67 -53.11 -8.70
N ASN C 55 18.20 -54.35 -8.57
CA ASN C 55 18.97 -55.54 -8.90
C ASN C 55 19.34 -55.54 -10.37
N HIS C 56 20.56 -55.97 -10.67
CA HIS C 56 21.02 -55.98 -12.05
C HIS C 56 20.53 -57.17 -12.86
N GLN C 57 20.34 -58.32 -12.22
CA GLN C 57 19.96 -59.54 -12.91
C GLN C 57 18.44 -59.79 -12.79
N PRO C 58 17.78 -60.19 -13.90
CA PRO C 58 16.36 -60.49 -13.84
C PRO C 58 16.22 -61.78 -13.06
N CYS C 59 15.13 -61.93 -12.32
CA CYS C 59 14.95 -63.13 -11.56
C CYS C 59 14.13 -64.15 -12.34
N PHE C 60 14.57 -65.40 -12.42
CA PHE C 60 13.80 -66.38 -13.18
C PHE C 60 13.19 -67.45 -12.34
N LEU C 61 13.06 -67.18 -11.04
CA LEU C 61 12.33 -68.09 -10.17
C LEU C 61 10.86 -67.81 -10.19
N LYS C 62 10.07 -68.88 -10.09
CA LYS C 62 8.63 -68.76 -10.10
C LYS C 62 8.15 -68.64 -8.65
N ASP C 63 8.87 -69.26 -7.72
CA ASP C 63 8.52 -69.36 -6.32
C ASP C 63 9.62 -68.77 -5.44
N TRP C 64 9.37 -67.61 -4.85
CA TRP C 64 10.42 -66.93 -4.10
C TRP C 64 9.94 -66.24 -2.85
N GLU C 65 10.89 -66.00 -1.95
CA GLU C 65 10.60 -65.29 -0.72
C GLU C 65 11.71 -64.29 -0.47
N MET C 66 11.32 -63.02 -0.42
CA MET C 66 12.22 -61.92 -0.13
C MET C 66 12.02 -61.35 1.30
N HIS C 67 13.08 -61.39 2.10
CA HIS C 67 13.13 -60.77 3.43
C HIS C 67 13.86 -59.45 3.35
N VAL C 68 13.21 -58.38 3.78
CA VAL C 68 13.79 -57.08 3.73
C VAL C 68 13.96 -56.56 5.15
N HIS C 69 15.20 -56.18 5.44
CA HIS C 69 15.53 -55.48 6.65
C HIS C 69 15.65 -54.02 6.25
N PHE C 70 14.65 -53.26 6.70
CA PHE C 70 14.52 -51.86 6.35
C PHE C 70 14.48 -51.05 7.64
N LYS C 71 14.66 -49.74 7.52
CA LYS C 71 14.50 -48.84 8.65
C LYS C 71 14.04 -47.47 8.18
N VAL C 72 12.92 -47.05 8.70
CA VAL C 72 12.36 -45.75 8.41
C VAL C 72 12.34 -44.96 9.72
N HIS C 73 12.95 -43.76 9.71
CA HIS C 73 13.14 -43.00 10.94
C HIS C 73 13.37 -41.51 10.71
N GLY C 74 12.86 -40.69 11.63
CA GLY C 74 13.02 -39.24 11.53
C GLY C 74 12.49 -38.45 12.72
N THR C 75 12.07 -37.20 12.46
CA THR C 75 11.70 -36.19 13.49
C THR C 75 10.32 -35.51 13.33
N LYS C 78 5.07 -35.19 14.73
CA LYS C 78 3.88 -35.98 15.10
C LYS C 78 3.20 -36.75 13.96
N ASN C 79 2.56 -36.01 13.06
CA ASN C 79 1.94 -36.61 11.86
C ASN C 79 2.69 -36.08 10.62
N LEU C 80 3.97 -35.74 10.81
CA LEU C 80 4.67 -34.83 9.92
C LEU C 80 5.96 -35.43 9.39
N HIS C 81 5.87 -36.67 8.92
CA HIS C 81 6.94 -37.36 8.21
C HIS C 81 6.38 -38.00 6.90
N GLY C 82 7.25 -38.35 5.97
CA GLY C 82 6.82 -39.06 4.76
C GLY C 82 7.97 -39.30 3.81
N ASP C 83 7.73 -40.01 2.71
CA ASP C 83 6.41 -40.53 2.37
C ASP C 83 6.35 -42.04 2.49
N GLY C 84 7.50 -42.70 2.34
CA GLY C 84 7.56 -44.12 2.56
C GLY C 84 8.47 -44.80 1.56
N ILE C 85 8.49 -46.13 1.65
CA ILE C 85 9.24 -47.01 0.77
C ILE C 85 8.36 -47.83 -0.18
N ALA C 86 8.84 -48.04 -1.40
CA ALA C 86 8.22 -49.07 -2.22
C ALA C 86 9.22 -50.19 -2.54
N LEU C 87 8.77 -51.42 -2.38
CA LEU C 87 9.47 -52.60 -2.86
C LEU C 87 8.83 -53.06 -4.18
N TRP C 88 9.70 -53.47 -5.11
CA TRP C 88 9.33 -53.67 -6.51
C TRP C 88 9.69 -55.02 -7.05
N TYR C 89 8.79 -55.56 -7.87
CA TYR C 89 9.13 -56.69 -8.75
C TYR C 89 8.55 -56.39 -10.10
N THR C 90 9.29 -55.65 -10.90
CA THR C 90 8.73 -55.07 -12.10
C THR C 90 9.55 -55.33 -13.36
N ARG C 91 8.94 -55.07 -14.53
CA ARG C 91 9.62 -55.22 -15.82
C ARG C 91 10.76 -54.21 -15.95
N ASP C 92 10.45 -52.95 -15.67
CA ASP C 92 11.41 -51.91 -15.83
C ASP C 92 12.18 -51.72 -14.52
N ARG C 93 13.37 -51.11 -14.64
CA ARG C 93 14.21 -50.81 -13.52
C ARG C 93 14.75 -49.42 -13.72
N LEU C 94 15.25 -48.83 -12.63
CA LEU C 94 15.93 -47.55 -12.71
C LEU C 94 15.11 -46.50 -13.45
N VAL C 95 13.80 -46.47 -13.21
CA VAL C 95 12.96 -45.43 -13.81
C VAL C 95 12.33 -44.56 -12.72
N PRO C 96 12.79 -43.33 -12.59
CA PRO C 96 12.26 -42.40 -11.58
C PRO C 96 10.80 -41.95 -11.87
N GLY C 97 10.04 -41.61 -10.85
CA GLY C 97 8.67 -41.19 -11.04
C GLY C 97 8.09 -40.79 -9.71
N PRO C 98 6.79 -40.46 -9.69
CA PRO C 98 6.10 -40.02 -8.48
C PRO C 98 5.69 -41.18 -7.54
N VAL C 99 5.90 -42.43 -7.94
CA VAL C 99 5.52 -43.51 -7.02
C VAL C 99 6.72 -43.85 -6.16
N PHE C 100 6.77 -43.26 -4.97
CA PHE C 100 7.88 -43.47 -4.03
C PHE C 100 9.24 -43.49 -4.72
N GLY C 101 9.40 -42.59 -5.70
CA GLY C 101 10.65 -42.42 -6.39
C GLY C 101 10.76 -43.25 -7.65
N SER C 102 9.73 -44.03 -7.91
CA SER C 102 9.76 -44.86 -9.09
C SER C 102 8.57 -44.58 -9.98
N LYS C 103 8.65 -44.98 -11.25
CA LYS C 103 7.63 -44.68 -12.28
C LYS C 103 6.21 -45.18 -11.98
N ASP C 104 5.20 -44.47 -12.44
CA ASP C 104 3.84 -44.93 -12.38
C ASP C 104 3.59 -45.81 -13.60
N ASN C 105 2.41 -46.45 -13.68
CA ASN C 105 2.12 -47.36 -14.78
C ASN C 105 3.13 -48.48 -14.96
N PHE C 106 3.66 -48.98 -13.85
CA PHE C 106 4.62 -50.08 -13.87
C PHE C 106 3.96 -51.38 -14.31
N HIS C 107 4.77 -52.39 -14.59
CA HIS C 107 4.30 -53.73 -14.89
C HIS C 107 4.89 -54.64 -13.84
N GLY C 108 4.03 -55.31 -13.06
CA GLY C 108 4.49 -56.15 -11.95
C GLY C 108 3.87 -55.88 -10.59
N LEU C 109 4.59 -56.28 -9.56
CA LEU C 109 4.18 -56.09 -8.18
C LEU C 109 4.88 -54.91 -7.48
N ALA C 110 4.09 -54.18 -6.70
CA ALA C 110 4.57 -53.12 -5.82
C ALA C 110 4.08 -53.44 -4.43
N ILE C 111 4.97 -53.43 -3.45
CA ILE C 111 4.57 -53.41 -2.04
C ILE C 111 4.84 -52.02 -1.48
N PHE C 112 3.79 -51.32 -1.03
CA PHE C 112 3.94 -49.98 -0.49
C PHE C 112 3.97 -49.92 1.02
N LEU C 113 4.99 -49.22 1.53
CA LEU C 113 5.17 -48.99 2.96
C LEU C 113 4.92 -47.54 3.16
N ASP C 114 3.65 -47.20 3.31
CA ASP C 114 3.19 -45.82 3.24
C ASP C 114 3.08 -45.25 4.65
N THR C 115 3.70 -44.10 4.89
CA THR C 115 3.79 -43.58 6.25
C THR C 115 2.98 -42.32 6.45
N TYR C 116 2.42 -41.75 5.38
CA TYR C 116 1.70 -40.50 5.51
C TYR C 116 0.30 -40.54 4.83
N PRO C 117 -0.75 -40.26 5.60
CA PRO C 117 -2.09 -40.31 5.03
C PRO C 117 -2.38 -39.10 4.16
N ASN C 118 -2.26 -39.23 2.83
CA ASN C 118 -2.58 -38.14 1.92
C ASN C 118 -4.08 -37.87 1.78
N ASP C 119 -4.90 -38.90 1.96
CA ASP C 119 -6.35 -38.76 1.95
C ASP C 119 -6.81 -38.17 3.28
N GLU C 120 -7.22 -36.90 3.27
CA GLU C 120 -7.56 -36.15 4.51
C GLU C 120 -8.65 -36.87 5.33
N THR C 121 -9.75 -37.24 4.69
CA THR C 121 -10.91 -37.83 5.37
C THR C 121 -10.79 -39.31 5.71
N THR C 122 -9.58 -39.85 5.76
CA THR C 122 -9.42 -41.31 5.89
C THR C 122 -9.56 -41.90 7.30
N GLU C 123 -10.24 -43.04 7.36
CA GLU C 123 -10.38 -43.87 8.55
C GLU C 123 -9.19 -44.81 8.75
N ARG C 124 -8.30 -44.81 7.75
CA ARG C 124 -7.13 -45.69 7.74
C ARG C 124 -6.03 -45.23 8.70
N VAL C 125 -5.49 -46.18 9.47
CA VAL C 125 -4.42 -45.94 10.45
C VAL C 125 -3.05 -46.26 9.82
N PHE C 126 -2.15 -45.29 9.85
CA PHE C 126 -0.83 -45.40 9.23
C PHE C 126 0.24 -45.65 10.27
N PRO C 127 1.43 -46.11 9.85
CA PRO C 127 1.76 -46.54 8.49
C PRO C 127 0.95 -47.74 8.04
N TYR C 128 0.80 -47.80 6.73
CA TYR C 128 -0.01 -48.79 6.09
C TYR C 128 0.84 -49.47 5.04
N ILE C 129 0.74 -50.79 4.94
CA ILE C 129 1.43 -51.59 3.94
C ILE C 129 0.39 -52.12 2.98
N SER C 130 0.63 -51.96 1.69
CA SER C 130 -0.30 -52.52 0.71
C SER C 130 0.41 -53.18 -0.48
N VAL C 131 -0.34 -53.95 -1.27
CA VAL C 131 0.17 -54.51 -2.49
C VAL C 131 -0.66 -54.06 -3.70
N MET C 132 0.03 -53.72 -4.76
CA MET C 132 -0.60 -53.29 -5.99
C MET C 132 -0.01 -54.18 -7.07
N VAL C 133 -0.86 -54.72 -7.95
CA VAL C 133 -0.38 -55.42 -9.13
C VAL C 133 -0.87 -54.64 -10.33
N ASN C 134 -0.01 -54.49 -11.32
CA ASN C 134 -0.27 -53.57 -12.40
C ASN C 134 0.27 -54.16 -13.68
N ASN C 135 -0.52 -54.06 -14.74
CA ASN C 135 -0.12 -54.50 -16.08
C ASN C 135 0.12 -53.32 -17.01
N GLY C 136 0.48 -52.16 -16.48
CA GLY C 136 0.63 -50.96 -17.28
C GLY C 136 -0.59 -50.05 -17.34
N SER C 137 -1.78 -50.58 -17.07
CA SER C 137 -2.98 -49.76 -17.21
C SER C 137 -3.36 -48.93 -16.02
N LEU C 138 -2.77 -49.19 -14.84
CA LEU C 138 -3.22 -48.51 -13.61
C LEU C 138 -2.27 -47.45 -13.19
N SER C 139 -2.84 -46.33 -12.74
CA SER C 139 -2.07 -45.25 -12.19
C SER C 139 -2.22 -45.24 -10.68
N TYR C 140 -1.12 -45.08 -9.96
CA TYR C 140 -1.24 -44.96 -8.51
C TYR C 140 -1.66 -43.54 -8.11
N ASP C 141 -2.80 -43.40 -7.46
CA ASP C 141 -3.26 -42.11 -6.94
C ASP C 141 -2.65 -41.87 -5.57
N HIS C 142 -1.60 -41.07 -5.58
CA HIS C 142 -0.89 -40.70 -4.39
C HIS C 142 -1.82 -40.00 -3.38
N SER C 143 -2.69 -39.12 -3.86
CA SER C 143 -3.58 -38.34 -2.99
C SER C 143 -4.59 -39.19 -2.22
N LYS C 144 -4.87 -40.39 -2.71
CA LYS C 144 -5.78 -41.31 -2.01
C LYS C 144 -5.06 -42.49 -1.36
N ASP C 145 -3.73 -42.38 -1.24
CA ASP C 145 -2.88 -43.49 -0.73
C ASP C 145 -3.10 -44.82 -1.44
N GLY C 146 -3.45 -44.75 -2.72
CA GLY C 146 -3.64 -45.93 -3.55
C GLY C 146 -4.87 -46.77 -3.25
N ARG C 147 -5.82 -46.29 -2.45
CA ARG C 147 -6.98 -47.11 -2.04
C ARG C 147 -7.65 -47.84 -3.19
N TRP C 148 -7.88 -47.10 -4.27
CA TRP C 148 -8.60 -47.63 -5.41
C TRP C 148 -7.80 -48.62 -6.26
N THR C 149 -6.47 -48.69 -6.13
CA THR C 149 -5.71 -49.67 -6.92
C THR C 149 -5.03 -50.83 -6.14
N GLU C 150 -5.23 -50.87 -4.82
CA GLU C 150 -4.62 -51.90 -3.98
C GLU C 150 -5.42 -53.22 -3.98
N LEU C 151 -4.75 -54.33 -3.70
CA LEU C 151 -5.48 -55.62 -3.64
C LEU C 151 -5.77 -55.95 -2.20
N ALA C 152 -4.90 -55.52 -1.31
CA ALA C 152 -5.01 -55.80 0.11
C ALA C 152 -3.98 -54.97 0.83
N GLY C 153 -4.09 -54.91 2.16
CA GLY C 153 -3.15 -54.14 2.96
C GLY C 153 -3.35 -54.32 4.42
N CYS C 154 -2.45 -53.76 5.22
CA CYS C 154 -2.62 -53.78 6.66
C CYS C 154 -1.88 -52.59 7.27
N THR C 155 -2.43 -52.02 8.33
CA THR C 155 -1.67 -51.07 9.09
C THR C 155 -0.53 -51.81 9.83
N ALA C 156 0.63 -51.17 9.85
CA ALA C 156 1.82 -51.76 10.43
C ALA C 156 2.65 -50.67 11.06
N ASP C 157 3.08 -50.95 12.29
CA ASP C 157 3.75 -50.00 13.17
C ASP C 157 5.26 -50.18 13.01
N PHE C 158 5.78 -49.76 11.86
CA PHE C 158 7.19 -50.03 11.55
C PHE C 158 8.08 -48.81 11.69
N ARG C 159 7.49 -47.64 11.87
CA ARG C 159 8.30 -46.43 11.86
C ARG C 159 8.87 -46.10 13.25
N ASN C 160 10.14 -45.70 13.30
CA ASN C 160 10.76 -45.20 14.52
C ASN C 160 10.77 -46.20 15.69
N ARG C 161 11.11 -47.46 15.40
CA ARG C 161 11.18 -48.49 16.41
C ARG C 161 12.59 -48.57 16.96
N ASP C 162 12.72 -49.03 18.19
CA ASP C 162 14.01 -49.13 18.84
C ASP C 162 14.65 -50.52 18.74
N HIS C 163 14.23 -51.25 17.71
CA HIS C 163 14.78 -52.54 17.36
C HIS C 163 14.61 -52.74 15.84
N ASP C 164 15.18 -53.81 15.34
CA ASP C 164 15.15 -54.10 13.93
C ASP C 164 13.72 -54.32 13.41
N THR C 165 13.42 -53.80 12.22
CA THR C 165 12.14 -54.02 11.53
C THR C 165 12.34 -54.80 10.22
N PHE C 166 11.51 -55.82 10.00
CA PHE C 166 11.64 -56.75 8.88
C PHE C 166 10.30 -57.03 8.19
N LEU C 167 10.42 -57.40 6.93
CA LEU C 167 9.28 -57.73 6.12
C LEU C 167 9.68 -58.95 5.29
N ALA C 168 8.68 -59.79 5.02
CA ALA C 168 8.80 -60.95 4.15
C ALA C 168 7.72 -60.89 3.07
N VAL C 169 8.15 -60.93 1.81
CA VAL C 169 7.24 -61.07 0.67
C VAL C 169 7.43 -62.46 0.05
N ARG C 170 6.35 -63.23 0.03
CA ARG C 170 6.40 -64.56 -0.49
C ARG C 170 5.48 -64.68 -1.69
N TYR C 171 6.02 -65.26 -2.77
CA TYR C 171 5.24 -65.46 -3.99
C TYR C 171 5.49 -66.84 -4.61
N SER C 172 4.42 -67.60 -4.66
CA SER C 172 4.45 -68.98 -5.15
C SER C 172 3.03 -69.41 -5.52
N ARG C 173 2.90 -69.87 -6.76
CA ARG C 173 1.69 -70.53 -7.27
C ARG C 173 0.47 -69.67 -7.06
N GLY C 174 0.57 -68.42 -7.53
CA GLY C 174 -0.49 -67.42 -7.46
C GLY C 174 -0.81 -66.81 -6.10
N ARG C 175 -0.18 -67.32 -5.04
CA ARG C 175 -0.37 -66.81 -3.69
C ARG C 175 0.68 -65.76 -3.37
N LEU C 176 0.24 -64.66 -2.79
CA LEU C 176 1.11 -63.56 -2.42
C LEU C 176 0.93 -63.31 -0.93
N THR C 177 2.01 -63.47 -0.19
CA THR C 177 1.96 -63.30 1.25
C THR C 177 2.99 -62.27 1.70
N VAL C 178 2.55 -61.31 2.46
CA VAL C 178 3.44 -60.32 3.06
C VAL C 178 3.24 -60.48 4.58
N MET C 179 4.33 -60.59 5.32
CA MET C 179 4.27 -60.72 6.77
C MET C 179 5.28 -59.75 7.39
N THR C 180 5.04 -59.33 8.62
CA THR C 180 5.97 -58.43 9.27
C THR C 180 6.57 -59.02 10.54
N ASP C 181 7.79 -58.60 10.85
CA ASP C 181 8.42 -58.81 12.17
C ASP C 181 8.88 -57.44 12.59
N LEU C 182 8.12 -56.83 13.49
CA LEU C 182 8.35 -55.44 13.83
C LEU C 182 8.55 -55.23 15.30
N GLU C 183 8.28 -56.30 16.06
CA GLU C 183 8.13 -56.18 17.50
C GLU C 183 9.31 -56.70 18.32
N ASP C 184 10.42 -57.04 17.66
CA ASP C 184 11.61 -57.58 18.32
C ASP C 184 11.36 -58.95 18.94
N LYS C 185 10.22 -59.56 18.59
CA LYS C 185 9.90 -60.92 19.04
C LYS C 185 10.30 -62.00 18.05
N ASN C 186 11.13 -61.67 17.05
CA ASN C 186 11.71 -62.67 16.14
C ASN C 186 10.66 -63.72 15.67
N GLU C 187 9.51 -63.21 15.27
CA GLU C 187 8.47 -64.04 14.68
C GLU C 187 7.71 -63.21 13.63
N TRP C 188 7.08 -63.90 12.69
CA TRP C 188 6.32 -63.28 11.62
C TRP C 188 4.87 -63.09 12.01
N LYS C 189 4.32 -61.96 11.59
CA LYS C 189 2.95 -61.61 11.87
C LYS C 189 2.18 -61.37 10.54
N ASN C 190 0.89 -61.71 10.54
CA ASN C 190 0.04 -61.57 9.37
C ASN C 190 -0.07 -60.12 8.89
N CYS C 191 -0.17 -59.93 7.59
CA CYS C 191 -0.46 -58.64 7.00
C CYS C 191 -1.31 -58.81 5.75
N ILE C 192 -0.74 -59.46 4.74
CA ILE C 192 -1.42 -59.68 3.47
C ILE C 192 -1.27 -61.13 3.04
N ASP C 193 -2.40 -61.73 2.66
CA ASP C 193 -2.40 -63.06 2.11
C ASP C 193 -3.51 -63.15 1.07
N ILE C 194 -3.12 -63.07 -0.21
CA ILE C 194 -4.09 -63.16 -1.32
C ILE C 194 -3.69 -64.19 -2.40
N THR C 195 -4.68 -64.66 -3.15
CA THR C 195 -4.51 -65.59 -4.25
C THR C 195 -5.03 -64.95 -5.54
N GLY C 196 -4.78 -65.62 -6.67
CA GLY C 196 -5.22 -65.11 -7.99
C GLY C 196 -4.26 -64.16 -8.65
N VAL C 197 -3.07 -64.02 -8.06
CA VAL C 197 -2.07 -63.10 -8.59
C VAL C 197 -1.16 -63.80 -9.59
N ARG C 198 -1.03 -63.19 -10.77
CA ARG C 198 -0.22 -63.74 -11.80
C ARG C 198 0.88 -62.77 -12.11
N LEU C 199 2.12 -63.24 -11.96
CA LEU C 199 3.28 -62.43 -12.32
C LEU C 199 4.28 -63.22 -13.20
N PRO C 200 4.89 -62.57 -14.19
CA PRO C 200 5.87 -63.32 -14.94
C PRO C 200 7.21 -63.42 -14.23
N THR C 201 8.05 -64.33 -14.72
CA THR C 201 9.46 -64.40 -14.39
C THR C 201 10.19 -63.44 -15.32
N GLY C 202 11.44 -63.11 -14.97
CA GLY C 202 12.28 -62.23 -15.76
C GLY C 202 12.17 -60.75 -15.44
N TYR C 203 11.62 -60.45 -14.26
CA TYR C 203 11.44 -59.09 -13.76
C TYR C 203 12.49 -58.79 -12.68
N TYR C 204 12.58 -57.52 -12.29
CA TYR C 204 13.64 -57.05 -11.42
C TYR C 204 13.17 -56.69 -10.03
N PHE C 205 13.93 -57.10 -9.04
CA PHE C 205 13.72 -56.66 -7.68
C PHE C 205 14.38 -55.32 -7.45
N GLY C 206 13.71 -54.47 -6.68
CA GLY C 206 14.19 -53.12 -6.41
C GLY C 206 13.44 -52.49 -5.26
N ALA C 207 13.99 -51.38 -4.78
CA ALA C 207 13.38 -50.62 -3.71
C ALA C 207 13.64 -49.19 -3.97
N SER C 208 12.67 -48.35 -3.63
CA SER C 208 12.79 -46.92 -3.80
C SER C 208 12.06 -46.19 -2.69
N ALA C 209 12.37 -44.90 -2.54
CA ALA C 209 11.72 -44.07 -1.51
C ALA C 209 11.56 -42.63 -1.97
N GLY C 210 10.74 -41.87 -1.23
CA GLY C 210 10.40 -40.50 -1.65
C GLY C 210 10.09 -39.65 -0.44
N THR C 211 10.47 -38.38 -0.54
CA THR C 211 9.99 -37.40 0.41
C THR C 211 9.42 -36.24 -0.42
N GLY C 212 8.38 -35.58 0.07
CA GLY C 212 7.77 -34.44 -0.64
C GLY C 212 7.98 -33.22 0.21
N ASP C 213 6.91 -32.60 0.69
CA ASP C 213 7.05 -31.57 1.75
C ASP C 213 7.40 -32.20 3.09
N LEU C 214 6.99 -33.44 3.31
CA LEU C 214 7.39 -34.13 4.53
C LEU C 214 8.48 -35.13 4.19
N SER C 215 9.30 -35.49 5.18
CA SER C 215 10.50 -36.29 4.92
C SER C 215 10.76 -37.37 5.98
N ASP C 216 11.80 -38.17 5.79
CA ASP C 216 12.24 -39.24 6.71
C ASP C 216 13.52 -39.84 6.11
N ASN C 217 14.33 -40.49 6.94
CA ASN C 217 15.30 -41.42 6.43
C ASN C 217 14.58 -42.70 6.00
N HIS C 218 14.82 -43.12 4.77
CA HIS C 218 14.35 -44.42 4.33
C HIS C 218 15.57 -45.29 4.01
N ASP C 219 15.75 -46.37 4.77
CA ASP C 219 16.97 -47.15 4.74
C ASP C 219 16.66 -48.62 4.38
N ILE C 220 17.49 -49.22 3.50
CA ILE C 220 17.51 -50.65 3.29
C ILE C 220 18.81 -51.20 3.87
N ILE C 221 18.71 -52.11 4.82
CA ILE C 221 19.90 -52.69 5.42
C ILE C 221 20.20 -54.01 4.70
N SER C 222 19.17 -54.81 4.45
CA SER C 222 19.31 -55.98 3.56
C SER C 222 18.03 -56.41 2.82
N MET C 223 18.27 -56.94 1.63
CA MET C 223 17.30 -57.74 0.92
C MET C 223 17.91 -59.12 0.65
N LYS C 224 17.23 -60.16 1.10
CA LYS C 224 17.72 -61.50 0.95
C LYS C 224 16.67 -62.35 0.22
N LEU C 225 16.99 -62.76 -1.00
CA LEU C 225 16.07 -63.53 -1.81
C LEU C 225 16.25 -65.05 -1.66
N PHE C 226 15.20 -65.73 -1.23
CA PHE C 226 15.21 -67.14 -1.07
C PHE C 226 14.36 -67.85 -2.11
N GLN C 227 14.98 -68.81 -2.79
CA GLN C 227 14.27 -69.76 -3.65
C GLN C 227 13.47 -70.76 -2.84
N LEU C 228 12.23 -70.95 -3.22
CA LEU C 228 11.41 -71.99 -2.64
C LEU C 228 11.36 -73.19 -3.58
N MET C 229 11.20 -74.37 -3.00
CA MET C 229 11.10 -75.58 -3.78
C MET C 229 9.67 -76.05 -3.71
N VAL C 230 8.99 -75.88 -4.85
CA VAL C 230 7.57 -76.09 -4.92
C VAL C 230 7.29 -76.91 -6.16
N GLU C 231 6.50 -77.97 -5.98
CA GLU C 231 6.10 -78.84 -7.07
C GLU C 231 5.05 -78.13 -7.92
N HIS C 232 5.27 -78.14 -9.24
CA HIS C 232 4.31 -77.56 -10.16
C HIS C 232 3.51 -78.64 -10.90
N THR C 233 2.29 -78.28 -11.30
CA THR C 233 1.51 -79.16 -12.15
C THR C 233 2.19 -79.26 -13.50
N PRO C 234 2.13 -80.45 -14.12
CA PRO C 234 2.57 -80.58 -15.50
C PRO C 234 1.78 -79.56 -16.29
N ASP C 235 2.40 -78.89 -17.24
CA ASP C 235 1.71 -77.88 -18.07
C ASP C 235 1.62 -76.53 -17.35
N GLU C 236 1.98 -76.51 -16.07
CA GLU C 236 2.49 -75.28 -15.51
C GLU C 236 3.88 -75.16 -16.14
N GLU C 237 4.39 -76.32 -16.56
CA GLU C 237 5.71 -76.42 -17.13
C GLU C 237 5.69 -76.31 -18.65
N ASN C 238 4.54 -75.98 -19.23
CA ASN C 238 4.47 -75.80 -20.68
C ASN C 238 4.09 -74.38 -21.05
N ILE C 239 4.21 -73.49 -20.08
CA ILE C 239 3.93 -72.08 -20.35
C ILE C 239 5.25 -71.34 -20.52
N ASP C 240 5.26 -70.32 -21.35
CA ASP C 240 6.35 -69.37 -21.27
C ASP C 240 6.08 -68.34 -20.15
N TRP C 241 6.70 -68.56 -19.00
CA TRP C 241 6.48 -67.72 -17.85
C TRP C 241 7.02 -66.32 -18.01
N THR C 242 7.89 -66.08 -18.98
CA THR C 242 8.46 -64.75 -19.13
C THR C 242 7.51 -63.85 -19.91
N LYS C 243 6.53 -64.46 -20.55
CA LYS C 243 5.64 -63.72 -21.42
C LYS C 243 4.26 -63.57 -20.78
N ILE C 244 4.09 -64.12 -19.57
CA ILE C 244 2.87 -63.88 -18.77
C ILE C 244 2.67 -62.38 -18.50
N GLU C 245 1.44 -61.89 -18.67
CA GLU C 245 1.10 -60.52 -18.30
C GLU C 245 0.64 -60.41 -16.83
N PRO C 246 1.15 -59.42 -16.08
CA PRO C 246 0.75 -59.34 -14.69
C PRO C 246 -0.75 -59.16 -14.59
N SER C 247 -1.40 -59.92 -13.73
CA SER C 247 -2.84 -59.93 -13.64
C SER C 247 -3.33 -60.35 -12.27
N VAL C 248 -4.62 -60.10 -12.01
CA VAL C 248 -5.27 -60.37 -10.73
C VAL C 248 -6.55 -61.19 -10.85
N ASN C 249 -6.98 -61.76 -9.71
CA ASN C 249 -8.10 -62.67 -9.66
C ASN C 249 -8.00 -63.86 -10.63
N PHE C 250 -6.77 -64.33 -10.86
CA PHE C 250 -6.43 -65.59 -11.56
C PHE C 250 -5.63 -65.35 -12.83
N GLU D 4 -21.89 46.60 -27.10
CA GLU D 4 -23.06 47.27 -26.47
C GLU D 4 -22.99 47.31 -24.94
N HIS D 5 -23.88 46.59 -24.26
CA HIS D 5 -24.10 46.75 -22.83
C HIS D 5 -23.41 45.70 -21.94
N LEU D 6 -22.50 46.14 -21.08
CA LEU D 6 -21.86 45.27 -20.08
C LEU D 6 -22.88 44.76 -19.07
N LYS D 7 -22.71 43.53 -18.59
CA LYS D 7 -23.60 42.99 -17.58
C LYS D 7 -22.86 42.61 -16.29
N ARG D 8 -22.85 43.53 -15.34
CA ARG D 8 -22.07 43.41 -14.13
C ARG D 8 -22.41 42.14 -13.35
N GLU D 9 -23.63 41.63 -13.51
CA GLU D 9 -24.06 40.43 -12.78
C GLU D 9 -23.49 39.12 -13.37
N HIS D 10 -22.99 39.19 -14.60
CA HIS D 10 -22.31 38.06 -15.21
C HIS D 10 -20.84 38.39 -15.44
N SER D 11 -20.36 39.41 -14.75
CA SER D 11 -18.99 39.80 -14.88
C SER D 11 -18.20 39.62 -13.61
N LEU D 12 -16.90 39.47 -13.75
CA LEU D 12 -16.05 39.15 -12.63
C LEU D 12 -14.93 40.15 -12.72
N ILE D 13 -15.06 41.21 -11.94
CA ILE D 13 -14.26 42.41 -12.10
C ILE D 13 -13.57 42.74 -10.78
N LYS D 14 -12.28 43.08 -10.84
CA LYS D 14 -11.58 43.43 -9.61
C LYS D 14 -12.22 44.66 -8.96
N PRO D 15 -12.33 44.66 -7.62
CA PRO D 15 -11.76 43.70 -6.66
C PRO D 15 -12.59 42.46 -6.28
N TYR D 16 -13.55 42.06 -7.11
CA TYR D 16 -14.29 40.80 -6.94
C TYR D 16 -15.26 40.81 -5.77
N GLN D 17 -15.47 41.99 -5.21
CA GLN D 17 -16.49 42.19 -4.17
C GLN D 17 -17.19 43.53 -4.31
N MET D 24 -26.49 38.29 -1.91
CA MET D 24 -25.73 37.09 -2.35
C MET D 24 -24.50 37.46 -3.21
N PRO D 25 -23.44 36.63 -3.13
CA PRO D 25 -22.22 36.91 -3.92
C PRO D 25 -22.45 36.58 -5.39
N LEU D 26 -21.88 37.36 -6.29
CA LEU D 26 -22.05 37.12 -7.70
C LEU D 26 -21.33 35.84 -8.14
N TRP D 27 -20.20 35.53 -7.49
CA TRP D 27 -19.36 34.41 -7.90
C TRP D 27 -18.98 33.55 -6.73
N ASP D 28 -19.00 32.24 -6.93
CA ASP D 28 -18.59 31.30 -5.93
C ASP D 28 -17.43 30.51 -6.49
N PHE D 29 -16.50 30.14 -5.62
CA PHE D 29 -15.31 29.48 -6.06
C PHE D 29 -15.01 28.29 -5.17
N GLN D 30 -14.06 27.47 -5.60
CA GLN D 30 -14.00 26.09 -5.11
C GLN D 30 -12.62 25.50 -5.44
N GLY D 31 -12.19 24.52 -4.65
CA GLY D 31 -10.91 23.86 -4.84
C GLY D 31 -9.77 24.75 -4.37
N SER D 32 -8.73 24.86 -5.17
CA SER D 32 -7.56 25.63 -4.73
C SER D 32 -7.68 27.09 -5.06
N THR D 33 -8.82 27.52 -5.60
CA THR D 33 -9.03 28.91 -5.96
C THR D 33 -8.84 29.86 -4.78
N ILE D 34 -8.16 31.00 -5.02
CA ILE D 34 -8.09 32.06 -4.01
C ILE D 34 -8.21 33.40 -4.68
N LEU D 35 -8.85 34.33 -4.01
CA LEU D 35 -9.04 35.69 -4.54
C LEU D 35 -8.03 36.62 -3.89
N THR D 36 -7.32 37.39 -4.72
CA THR D 36 -6.43 38.45 -4.27
C THR D 36 -7.02 39.74 -4.83
N SER D 37 -6.37 40.90 -4.63
CA SER D 37 -7.03 42.16 -5.01
C SER D 37 -6.84 42.44 -6.48
N GLN D 38 -5.87 41.75 -7.06
CA GLN D 38 -5.48 41.93 -8.44
C GLN D 38 -5.87 40.78 -9.38
N TYR D 39 -6.20 39.61 -8.84
CA TYR D 39 -6.52 38.47 -9.72
C TYR D 39 -7.15 37.33 -8.94
N VAL D 40 -7.78 36.41 -9.65
CA VAL D 40 -8.21 35.17 -9.04
C VAL D 40 -7.27 34.11 -9.54
N ARG D 41 -6.64 33.37 -8.63
CA ARG D 41 -5.80 32.25 -8.99
C ARG D 41 -6.61 30.97 -8.81
N LEU D 42 -6.78 30.21 -9.89
CA LEU D 42 -7.51 28.95 -9.79
C LEU D 42 -6.61 27.88 -9.22
N THR D 43 -5.34 27.88 -9.65
CA THR D 43 -4.35 26.94 -9.12
C THR D 43 -3.01 27.67 -8.99
N PRO D 44 -2.22 27.35 -7.93
CA PRO D 44 -0.84 27.82 -7.87
C PRO D 44 0.04 26.88 -8.69
N ASP D 45 1.29 27.27 -8.92
CA ASP D 45 2.28 26.46 -9.64
C ASP D 45 2.73 25.26 -8.81
N GLU D 46 1.80 24.35 -8.51
CA GLU D 46 2.13 23.14 -7.74
C GLU D 46 1.35 21.98 -8.31
N ARG D 47 1.79 20.76 -7.97
CA ARG D 47 1.19 19.52 -8.49
C ARG D 47 -0.23 19.24 -7.99
N SER D 48 -0.99 18.54 -8.82
CA SER D 48 -2.30 18.03 -8.47
C SER D 48 -3.23 19.09 -7.87
N LYS D 49 -3.34 20.24 -8.53
CA LYS D 49 -4.28 21.23 -8.05
C LYS D 49 -5.43 21.38 -9.04
N GLU D 50 -6.59 21.77 -8.54
CA GLU D 50 -7.73 22.13 -9.36
C GLU D 50 -8.61 23.11 -8.65
N GLY D 51 -9.01 24.14 -9.36
CA GLY D 51 -9.85 25.17 -8.78
C GLY D 51 -10.85 25.70 -9.79
N SER D 52 -11.96 26.20 -9.29
CA SER D 52 -12.92 26.79 -10.18
C SER D 52 -13.54 28.03 -9.58
N ILE D 53 -14.20 28.77 -10.45
CA ILE D 53 -14.97 29.90 -10.05
C ILE D 53 -16.20 29.93 -10.96
N TRP D 54 -17.35 30.20 -10.36
CA TRP D 54 -18.62 30.03 -11.00
C TRP D 54 -19.57 31.17 -10.64
N ASN D 55 -20.03 31.85 -11.69
CA ASN D 55 -21.05 32.88 -11.62
C ASN D 55 -22.29 32.26 -11.01
N HIS D 56 -22.85 32.93 -10.00
CA HIS D 56 -23.99 32.44 -9.20
C HIS D 56 -25.35 32.61 -9.89
N GLN D 57 -25.46 33.58 -10.79
CA GLN D 57 -26.70 33.89 -11.47
C GLN D 57 -26.74 33.25 -12.88
N PRO D 58 -27.79 32.47 -13.18
CA PRO D 58 -27.86 32.02 -14.57
C PRO D 58 -28.01 33.17 -15.53
N CYS D 59 -27.48 33.00 -16.73
CA CYS D 59 -27.54 34.00 -17.74
C CYS D 59 -28.69 33.67 -18.67
N PHE D 60 -29.49 34.68 -19.05
CA PHE D 60 -30.65 34.44 -19.92
C PHE D 60 -30.59 35.19 -21.23
N LEU D 61 -29.39 35.66 -21.56
CA LEU D 61 -29.13 36.30 -22.83
C LEU D 61 -28.94 35.27 -23.95
N LYS D 62 -29.56 35.56 -25.10
CA LYS D 62 -29.46 34.74 -26.29
C LYS D 62 -28.21 35.06 -27.12
N ASP D 63 -27.80 36.34 -27.12
CA ASP D 63 -26.66 36.79 -27.89
C ASP D 63 -25.67 37.59 -27.03
N TRP D 64 -24.48 37.03 -26.81
CA TRP D 64 -23.52 37.62 -25.86
C TRP D 64 -22.06 37.52 -26.32
N GLU D 65 -21.20 38.28 -25.66
CA GLU D 65 -19.77 38.23 -25.92
C GLU D 65 -19.01 38.32 -24.59
N MET D 66 -18.23 37.31 -24.26
CA MET D 66 -17.51 37.28 -22.99
C MET D 66 -16.02 37.59 -23.25
N HIS D 67 -15.50 38.63 -22.61
CA HIS D 67 -14.09 39.03 -22.69
C HIS D 67 -13.37 38.55 -21.45
N VAL D 68 -12.36 37.68 -21.60
CA VAL D 68 -11.62 37.19 -20.49
C VAL D 68 -10.19 37.68 -20.51
N HIS D 69 -9.85 38.38 -19.43
CA HIS D 69 -8.48 38.68 -19.13
C HIS D 69 -7.96 37.67 -18.11
N PHE D 70 -7.03 36.85 -18.57
CA PHE D 70 -6.53 35.70 -17.83
C PHE D 70 -5.01 35.74 -17.88
N LYS D 71 -4.35 34.92 -17.09
CA LYS D 71 -2.91 34.80 -17.17
C LYS D 71 -2.42 33.41 -16.85
N VAL D 72 -1.65 32.84 -17.78
CA VAL D 72 -1.03 31.55 -17.56
C VAL D 72 0.48 31.77 -17.58
N HIS D 73 1.12 31.47 -16.46
CA HIS D 73 2.53 31.76 -16.27
C HIS D 73 3.13 30.84 -15.25
N GLY D 74 4.40 30.49 -15.48
CA GLY D 74 5.18 29.57 -14.62
C GLY D 74 6.63 29.40 -15.07
N THR D 75 7.33 28.45 -14.45
CA THR D 75 8.79 28.32 -14.62
C THR D 75 9.20 27.05 -15.39
N ASN D 79 8.77 22.82 -22.00
CA ASN D 79 7.62 21.93 -22.19
C ASN D 79 7.17 21.16 -20.94
N LEU D 80 7.54 21.62 -19.75
CA LEU D 80 7.06 20.93 -18.55
C LEU D 80 6.20 21.82 -17.70
N HIS D 81 4.95 21.98 -18.14
CA HIS D 81 3.98 22.79 -17.44
C HIS D 81 2.60 22.34 -17.91
N GLY D 82 1.59 22.47 -17.05
CA GLY D 82 0.21 22.09 -17.39
C GLY D 82 -0.81 22.52 -16.36
N ASP D 83 -2.10 22.24 -16.57
CA ASP D 83 -2.61 21.64 -17.79
C ASP D 83 -3.30 22.68 -18.64
N GLY D 84 -3.71 23.78 -18.02
CA GLY D 84 -4.39 24.83 -18.75
C GLY D 84 -5.70 25.22 -18.09
N ILE D 85 -6.51 26.01 -18.81
CA ILE D 85 -7.75 26.57 -18.28
C ILE D 85 -8.91 26.14 -19.12
N ALA D 86 -10.08 26.02 -18.49
CA ALA D 86 -11.34 25.94 -19.23
C ALA D 86 -12.29 27.10 -18.90
N LEU D 87 -12.95 27.65 -19.91
CA LEU D 87 -14.07 28.56 -19.71
C LEU D 87 -15.40 27.84 -20.00
N TRP D 88 -16.40 28.10 -19.15
CA TRP D 88 -17.61 27.28 -19.19
C TRP D 88 -18.86 28.08 -19.43
N TYR D 89 -19.79 27.45 -20.14
CA TYR D 89 -21.17 27.91 -20.19
C TYR D 89 -22.04 26.67 -20.10
N THR D 90 -22.40 26.30 -18.88
CA THR D 90 -22.96 25.00 -18.65
C THR D 90 -24.18 24.96 -17.72
N ARG D 91 -24.88 23.82 -17.77
CA ARG D 91 -26.05 23.55 -16.96
C ARG D 91 -25.68 23.53 -15.49
N ASP D 92 -24.62 22.80 -15.19
CA ASP D 92 -24.15 22.59 -13.82
C ASP D 92 -23.08 23.59 -13.43
N ARG D 93 -22.88 23.76 -12.13
CA ARG D 93 -21.84 24.68 -11.65
C ARG D 93 -21.17 24.08 -10.44
N LEU D 94 -19.96 24.55 -10.15
CA LEU D 94 -19.23 24.10 -8.99
C LEU D 94 -19.29 22.58 -8.87
N VAL D 95 -19.11 21.86 -9.99
CA VAL D 95 -18.83 20.43 -9.93
C VAL D 95 -17.37 20.11 -10.29
N PRO D 96 -16.54 19.72 -9.32
CA PRO D 96 -15.14 19.35 -9.61
C PRO D 96 -15.02 18.10 -10.46
N GLY D 97 -13.95 18.00 -11.23
CA GLY D 97 -13.71 16.82 -12.04
C GLY D 97 -12.39 16.94 -12.79
N PRO D 98 -12.12 15.96 -13.65
CA PRO D 98 -10.83 15.85 -14.35
C PRO D 98 -10.70 16.72 -15.61
N VAL D 99 -11.67 17.59 -15.88
CA VAL D 99 -11.63 18.37 -17.12
C VAL D 99 -11.21 19.76 -16.75
N PHE D 100 -9.90 19.94 -16.69
CA PHE D 100 -9.31 21.19 -16.25
C PHE D 100 -9.99 21.66 -14.96
N GLY D 101 -10.08 20.76 -14.00
CA GLY D 101 -10.72 21.06 -12.75
C GLY D 101 -12.23 20.92 -12.73
N SER D 102 -12.86 20.77 -13.89
CA SER D 102 -14.33 20.65 -13.84
C SER D 102 -14.81 19.27 -14.33
N LYS D 103 -16.07 18.95 -14.04
CA LYS D 103 -16.68 17.65 -14.41
C LYS D 103 -16.73 17.35 -15.90
N ASP D 104 -16.63 16.06 -16.20
CA ASP D 104 -16.84 15.51 -17.53
C ASP D 104 -18.35 15.33 -17.79
N ASN D 105 -18.70 14.98 -19.02
CA ASN D 105 -20.10 14.72 -19.37
C ASN D 105 -20.93 15.92 -18.97
N PHE D 106 -20.49 17.09 -19.40
CA PHE D 106 -21.14 18.35 -19.09
C PHE D 106 -22.15 18.70 -20.17
N HIS D 107 -22.96 19.70 -19.85
CA HIS D 107 -24.05 20.17 -20.71
C HIS D 107 -23.80 21.62 -20.99
N GLY D 108 -23.43 21.93 -22.22
CA GLY D 108 -23.12 23.29 -22.58
C GLY D 108 -21.83 23.38 -23.36
N LEU D 109 -21.11 24.49 -23.13
CA LEU D 109 -20.00 24.91 -23.95
C LEU D 109 -18.72 24.97 -23.11
N ALA D 110 -17.62 24.49 -23.69
CA ALA D 110 -16.30 24.62 -23.09
C ALA D 110 -15.34 25.25 -24.11
N ILE D 111 -14.55 26.20 -23.66
CA ILE D 111 -13.43 26.70 -24.42
C ILE D 111 -12.28 26.21 -23.59
N PHE D 112 -11.39 25.43 -24.21
CA PHE D 112 -10.23 24.93 -23.52
C PHE D 112 -9.01 25.71 -23.96
N LEU D 113 -8.22 26.12 -22.97
CA LEU D 113 -6.92 26.72 -23.17
C LEU D 113 -5.87 25.72 -22.69
N ASP D 114 -5.44 24.87 -23.63
CA ASP D 114 -4.65 23.68 -23.32
C ASP D 114 -3.17 23.96 -23.58
N THR D 115 -2.33 23.75 -22.57
CA THR D 115 -0.89 24.11 -22.66
C THR D 115 0.02 22.91 -22.81
N TYR D 116 -0.51 21.71 -22.63
CA TYR D 116 0.32 20.54 -22.70
C TYR D 116 -0.21 19.47 -23.67
N PRO D 117 0.65 19.08 -24.62
CA PRO D 117 0.49 17.97 -25.55
C PRO D 117 0.50 16.62 -24.84
N ASN D 118 -0.67 16.17 -24.43
CA ASN D 118 -0.83 14.87 -23.86
C ASN D 118 -0.62 13.79 -24.92
N ASP D 119 -0.93 14.14 -26.15
CA ASP D 119 -0.86 13.18 -27.23
C ASP D 119 0.57 13.20 -27.78
N GLU D 120 1.38 12.25 -27.33
CA GLU D 120 2.82 12.27 -27.57
C GLU D 120 3.25 12.46 -29.02
N THR D 121 2.51 11.88 -29.96
CA THR D 121 2.91 11.90 -31.37
C THR D 121 2.07 12.86 -32.22
N THR D 122 1.66 13.97 -31.63
CA THR D 122 0.81 14.96 -32.29
C THR D 122 1.61 15.94 -33.16
N GLU D 123 0.98 16.39 -34.25
CA GLU D 123 1.50 17.43 -35.14
C GLU D 123 0.99 18.79 -34.67
N ARG D 124 0.04 18.78 -33.74
CA ARG D 124 -0.51 20.02 -33.20
C ARG D 124 0.56 20.83 -32.44
N VAL D 125 0.58 22.14 -32.69
CA VAL D 125 1.45 23.04 -31.95
C VAL D 125 0.69 23.59 -30.76
N PHE D 126 1.29 23.47 -29.60
CA PHE D 126 0.72 24.03 -28.38
C PHE D 126 1.35 25.37 -28.01
N PRO D 127 0.69 26.15 -27.14
CA PRO D 127 -0.65 26.00 -26.58
C PRO D 127 -1.73 26.07 -27.64
N TYR D 128 -2.85 25.43 -27.35
CA TYR D 128 -3.94 25.30 -28.29
C TYR D 128 -5.26 25.60 -27.59
N ILE D 129 -6.00 26.51 -28.21
CA ILE D 129 -7.37 26.85 -27.78
C ILE D 129 -8.40 26.04 -28.59
N SER D 130 -9.34 25.37 -27.94
CA SER D 130 -10.38 24.66 -28.68
C SER D 130 -11.75 24.89 -28.06
N VAL D 131 -12.81 24.50 -28.80
CA VAL D 131 -14.18 24.47 -28.30
C VAL D 131 -14.83 23.10 -28.44
N MET D 132 -15.63 22.77 -27.43
CA MET D 132 -16.35 21.53 -27.32
C MET D 132 -17.74 21.87 -26.81
N VAL D 133 -18.75 21.28 -27.47
CA VAL D 133 -20.15 21.41 -27.08
C VAL D 133 -20.60 20.02 -26.74
N ASN D 134 -21.26 19.86 -25.61
CA ASN D 134 -21.60 18.55 -25.08
C ASN D 134 -23.05 18.55 -24.60
N ASN D 135 -23.77 17.44 -24.81
CA ASN D 135 -25.15 17.32 -24.29
C ASN D 135 -25.23 16.30 -23.19
N GLY D 136 -24.08 15.97 -22.62
CA GLY D 136 -23.99 14.98 -21.56
C GLY D 136 -23.37 13.68 -21.99
N SER D 137 -23.31 13.44 -23.29
CA SER D 137 -22.97 12.11 -23.84
C SER D 137 -21.50 11.97 -24.25
N LEU D 138 -20.80 13.09 -24.30
CA LEU D 138 -19.39 13.12 -24.66
C LEU D 138 -18.53 13.15 -23.43
N SER D 139 -17.44 12.41 -23.52
CA SER D 139 -16.42 12.42 -22.53
C SER D 139 -15.14 13.04 -23.14
N TYR D 140 -14.60 14.07 -22.49
CA TYR D 140 -13.36 14.71 -22.94
C TYR D 140 -12.20 13.72 -23.03
N ASP D 141 -11.62 13.58 -24.21
CA ASP D 141 -10.46 12.70 -24.38
C ASP D 141 -9.17 13.46 -24.02
N HIS D 142 -8.89 13.53 -22.73
CA HIS D 142 -7.71 14.27 -22.24
C HIS D 142 -6.39 13.79 -22.88
N SER D 143 -6.20 12.48 -22.98
CA SER D 143 -4.92 11.96 -23.46
C SER D 143 -4.69 12.22 -24.96
N LYS D 144 -5.72 12.73 -25.64
CA LYS D 144 -5.61 13.09 -27.05
C LYS D 144 -5.84 14.57 -27.25
N ASP D 145 -5.80 15.32 -26.15
CA ASP D 145 -6.03 16.76 -26.14
C ASP D 145 -7.41 17.15 -26.75
N GLY D 146 -8.43 16.30 -26.57
CA GLY D 146 -9.81 16.54 -27.08
C GLY D 146 -10.00 16.53 -28.61
N ARG D 147 -8.98 16.07 -29.33
CA ARG D 147 -9.06 15.93 -30.77
C ARG D 147 -10.43 15.43 -31.27
N TRP D 148 -10.90 14.32 -30.69
CA TRP D 148 -12.09 13.65 -31.13
C TRP D 148 -13.38 14.22 -30.53
N THR D 149 -13.29 15.23 -29.65
CA THR D 149 -14.54 15.87 -29.21
C THR D 149 -14.59 17.40 -29.48
N GLU D 150 -13.56 17.93 -30.12
CA GLU D 150 -13.55 19.35 -30.42
C GLU D 150 -14.31 19.64 -31.73
N LEU D 151 -14.73 20.90 -31.88
CA LEU D 151 -15.33 21.32 -33.14
C LEU D 151 -14.36 22.18 -33.97
N ALA D 152 -13.43 22.86 -33.33
CA ALA D 152 -12.52 23.79 -34.01
C ALA D 152 -11.49 24.17 -33.01
N GLY D 153 -10.34 24.64 -33.47
CA GLY D 153 -9.30 25.20 -32.60
C GLY D 153 -8.23 25.96 -33.36
N CYS D 154 -7.31 26.59 -32.62
CA CYS D 154 -6.14 27.25 -33.20
C CYS D 154 -4.99 27.23 -32.17
N THR D 155 -3.76 27.20 -32.68
CA THR D 155 -2.58 27.44 -31.87
C THR D 155 -2.61 28.89 -31.40
N ALA D 156 -2.19 29.12 -30.15
CA ALA D 156 -2.22 30.44 -29.50
C ALA D 156 -1.10 30.57 -28.47
N ASP D 157 -0.25 31.56 -28.68
CA ASP D 157 0.97 31.77 -27.90
C ASP D 157 0.57 32.59 -26.67
N PHE D 158 -0.13 31.99 -25.71
CA PHE D 158 -0.65 32.81 -24.63
C PHE D 158 0.09 32.73 -23.29
N ARG D 159 1.01 31.78 -23.17
CA ARG D 159 1.74 31.53 -21.93
C ARG D 159 3.02 32.40 -21.75
N ASN D 160 3.31 32.80 -20.51
CA ASN D 160 4.52 33.58 -20.17
C ASN D 160 4.84 34.67 -21.17
N ARG D 161 3.93 35.64 -21.27
CA ARG D 161 4.06 36.77 -22.16
C ARG D 161 4.41 38.04 -21.37
N ASP D 162 5.21 38.90 -21.98
CA ASP D 162 5.67 40.17 -21.38
C ASP D 162 4.48 41.07 -21.00
N HIS D 163 3.32 40.74 -21.56
CA HIS D 163 2.18 41.61 -21.51
C HIS D 163 0.83 40.86 -21.38
N ASP D 164 -0.23 41.65 -21.27
CA ASP D 164 -1.58 41.14 -21.01
C ASP D 164 -2.17 40.24 -22.12
N THR D 165 -2.76 39.14 -21.69
CA THR D 165 -3.44 38.19 -22.59
C THR D 165 -4.97 38.24 -22.37
N PHE D 166 -5.68 38.45 -23.48
CA PHE D 166 -7.14 38.54 -23.50
C PHE D 166 -7.72 37.57 -24.49
N LEU D 167 -8.95 37.17 -24.23
CA LEU D 167 -9.67 36.31 -25.15
C LEU D 167 -11.14 36.74 -25.19
N ALA D 168 -11.77 36.55 -26.34
CA ALA D 168 -13.15 36.93 -26.55
C ALA D 168 -13.92 35.74 -27.07
N VAL D 169 -15.07 35.49 -26.46
CA VAL D 169 -15.93 34.39 -26.85
C VAL D 169 -17.26 35.00 -27.18
N ARG D 170 -17.67 34.92 -28.44
CA ARG D 170 -18.93 35.50 -28.94
C ARG D 170 -19.91 34.42 -29.33
N TYR D 171 -21.12 34.50 -28.78
CA TYR D 171 -22.20 33.58 -29.15
C TYR D 171 -23.48 34.31 -29.53
N SER D 172 -24.01 33.96 -30.69
CA SER D 172 -25.26 34.56 -31.18
C SER D 172 -25.73 33.90 -32.44
N ARG D 173 -26.97 33.38 -32.41
CA ARG D 173 -27.63 32.78 -33.60
C ARG D 173 -26.84 31.65 -34.23
N GLY D 174 -26.45 30.68 -33.39
CA GLY D 174 -25.81 29.45 -33.83
C GLY D 174 -24.34 29.64 -34.16
N ARG D 175 -23.88 30.88 -34.10
CA ARG D 175 -22.52 31.24 -34.41
C ARG D 175 -21.68 31.48 -33.14
N LEU D 176 -20.57 30.73 -33.02
CA LEU D 176 -19.60 30.82 -31.91
C LEU D 176 -18.24 31.28 -32.42
N THR D 177 -17.78 32.40 -31.90
CA THR D 177 -16.54 32.99 -32.37
C THR D 177 -15.61 33.17 -31.18
N VAL D 178 -14.41 32.67 -31.32
CA VAL D 178 -13.37 32.86 -30.32
C VAL D 178 -12.21 33.59 -30.96
N MET D 179 -11.80 34.69 -30.34
CA MET D 179 -10.67 35.46 -30.81
C MET D 179 -9.68 35.83 -29.70
N THR D 180 -8.43 36.11 -30.10
CA THR D 180 -7.34 36.40 -29.15
C THR D 180 -6.78 37.83 -29.30
N ASP D 181 -6.29 38.39 -28.20
CA ASP D 181 -5.47 39.59 -28.21
C ASP D 181 -4.33 39.27 -27.25
N LEU D 182 -3.21 38.82 -27.81
CA LEU D 182 -2.08 38.30 -27.01
C LEU D 182 -0.76 39.01 -27.23
N GLU D 183 -0.62 39.73 -28.35
CA GLU D 183 0.61 40.42 -28.62
C GLU D 183 0.42 41.93 -28.51
N ASP D 184 -0.19 42.37 -27.40
CA ASP D 184 -0.22 43.78 -26.95
C ASP D 184 -0.43 44.84 -28.04
N LYS D 185 -1.01 44.42 -29.16
CA LYS D 185 -1.29 45.31 -30.29
C LYS D 185 -2.75 45.76 -30.28
N ASN D 186 -3.29 45.99 -29.08
CA ASN D 186 -4.74 46.15 -28.87
C ASN D 186 -5.62 45.61 -30.02
N TRP D 188 -7.66 42.13 -31.90
CA TRP D 188 -8.28 40.80 -31.91
C TRP D 188 -7.87 39.94 -33.10
N LYS D 189 -7.35 38.76 -32.82
CA LYS D 189 -6.88 37.86 -33.87
C LYS D 189 -7.91 36.73 -34.05
N ASN D 190 -7.92 36.12 -35.24
CA ASN D 190 -8.80 35.01 -35.55
C ASN D 190 -8.30 33.74 -34.90
N CYS D 191 -9.22 33.04 -34.26
CA CYS D 191 -8.93 31.74 -33.73
C CYS D 191 -9.96 30.74 -34.19
N ILE D 192 -11.21 30.92 -33.77
CA ILE D 192 -12.28 29.95 -34.04
C ILE D 192 -13.53 30.65 -34.64
N ASP D 193 -14.16 30.03 -35.64
CA ASP D 193 -15.37 30.58 -36.25
C ASP D 193 -16.30 29.52 -36.88
N ILE D 194 -17.30 29.09 -36.12
CA ILE D 194 -18.17 28.01 -36.56
C ILE D 194 -19.63 28.37 -36.36
N THR D 195 -20.48 27.75 -37.16
CA THR D 195 -21.92 27.96 -37.12
C THR D 195 -22.61 26.63 -36.75
N GLY D 196 -23.94 26.64 -36.65
CA GLY D 196 -24.69 25.43 -36.30
C GLY D 196 -24.55 24.96 -34.87
N VAL D 197 -24.08 25.86 -33.99
CA VAL D 197 -24.03 25.56 -32.57
C VAL D 197 -25.33 25.96 -31.81
N ARG D 198 -25.91 24.99 -31.15
CA ARG D 198 -27.11 25.23 -30.36
C ARG D 198 -26.82 25.21 -28.88
N LEU D 199 -27.09 26.35 -28.24
CA LEU D 199 -27.00 26.44 -26.79
C LEU D 199 -28.24 27.11 -26.20
N PRO D 200 -28.65 26.65 -25.01
CA PRO D 200 -29.75 27.16 -24.24
C PRO D 200 -29.40 28.41 -23.43
N THR D 201 -30.45 29.11 -23.00
CA THR D 201 -30.34 30.09 -21.95
C THR D 201 -30.40 29.36 -20.61
N GLY D 202 -30.04 30.05 -19.52
CA GLY D 202 -30.23 29.56 -18.15
C GLY D 202 -29.03 28.79 -17.63
N TYR D 203 -27.90 29.00 -18.28
CA TYR D 203 -26.69 28.28 -17.96
C TYR D 203 -25.82 29.24 -17.22
N TYR D 204 -24.71 28.72 -16.69
CA TYR D 204 -23.82 29.52 -15.87
C TYR D 204 -22.44 29.61 -16.47
N PHE D 205 -21.94 30.83 -16.49
CA PHE D 205 -20.55 31.06 -16.84
C PHE D 205 -19.67 30.67 -15.68
N GLY D 206 -18.53 30.04 -16.00
CA GLY D 206 -17.48 29.69 -15.04
C GLY D 206 -16.10 29.57 -15.67
N ALA D 207 -15.09 29.41 -14.81
CA ALA D 207 -13.75 29.07 -15.25
C ALA D 207 -13.12 28.08 -14.29
N SER D 208 -12.23 27.25 -14.81
CA SER D 208 -11.55 26.26 -14.02
C SER D 208 -10.18 26.00 -14.62
N ALA D 209 -9.28 25.46 -13.81
CA ALA D 209 -7.97 25.05 -14.26
C ALA D 209 -7.46 23.89 -13.42
N GLY D 210 -6.51 23.13 -13.97
CA GLY D 210 -6.01 21.92 -13.31
C GLY D 210 -4.52 21.78 -13.55
N THR D 211 -3.84 21.13 -12.61
CA THR D 211 -2.42 20.79 -12.77
C THR D 211 -2.22 19.30 -12.48
N GLY D 212 -1.10 18.74 -12.95
CA GLY D 212 -0.76 17.31 -12.76
C GLY D 212 0.60 17.12 -12.08
N ASP D 213 1.54 16.46 -12.77
CA ASP D 213 2.95 16.43 -12.36
C ASP D 213 3.57 17.67 -12.98
N LEU D 214 2.83 18.26 -13.91
CA LEU D 214 3.22 19.51 -14.52
C LEU D 214 2.19 20.54 -14.06
N SER D 215 2.62 21.77 -13.92
CA SER D 215 1.80 22.75 -13.24
C SER D 215 2.01 24.13 -13.83
N ASP D 216 1.35 25.12 -13.26
CA ASP D 216 1.46 26.50 -13.71
C ASP D 216 0.53 27.32 -12.81
N ASN D 217 0.75 28.62 -12.78
CA ASN D 217 -0.25 29.54 -12.25
C ASN D 217 -1.28 29.76 -13.35
N HIS D 218 -2.55 29.56 -13.01
CA HIS D 218 -3.65 29.90 -13.94
C HIS D 218 -4.56 30.92 -13.29
N ASP D 219 -4.51 32.16 -13.76
CA ASP D 219 -5.19 33.26 -13.12
C ASP D 219 -6.29 33.81 -14.02
N ILE D 220 -7.40 34.24 -13.44
CA ILE D 220 -8.38 35.05 -14.13
C ILE D 220 -8.34 36.46 -13.53
N ILE D 221 -8.07 37.47 -14.33
CA ILE D 221 -8.07 38.83 -13.84
C ILE D 221 -9.43 39.45 -13.98
N SER D 222 -10.05 39.30 -15.15
CA SER D 222 -11.40 39.76 -15.33
C SER D 222 -12.21 38.89 -16.31
N MET D 223 -13.52 38.87 -16.11
CA MET D 223 -14.49 38.27 -17.04
C MET D 223 -15.60 39.29 -17.24
N LYS D 224 -15.65 39.87 -18.43
CA LYS D 224 -16.58 40.95 -18.73
C LYS D 224 -17.58 40.51 -19.77
N LEU D 225 -18.84 40.37 -19.35
CA LEU D 225 -19.90 39.84 -20.21
C LEU D 225 -20.74 40.97 -20.81
N PHE D 226 -20.73 41.03 -22.13
CA PHE D 226 -21.46 42.04 -22.90
C PHE D 226 -22.71 41.46 -23.58
N GLN D 227 -23.87 42.00 -23.22
CA GLN D 227 -25.11 41.70 -23.91
C GLN D 227 -25.04 42.29 -25.31
N LEU D 228 -25.39 41.49 -26.31
CA LEU D 228 -25.48 42.01 -27.67
C LEU D 228 -26.93 42.22 -28.07
N MET D 229 -27.16 43.29 -28.85
CA MET D 229 -28.50 43.58 -29.39
C MET D 229 -28.57 43.13 -30.83
N VAL D 230 -29.37 42.09 -31.04
CA VAL D 230 -29.47 41.44 -32.35
C VAL D 230 -30.95 41.25 -32.75
N GLU D 231 -31.23 41.38 -34.04
CA GLU D 231 -32.55 41.11 -34.63
C GLU D 231 -32.85 39.61 -34.58
N HIS D 232 -33.95 39.23 -33.94
CA HIS D 232 -34.40 37.84 -33.99
C HIS D 232 -35.60 37.66 -34.92
N THR D 233 -35.75 36.46 -35.48
CA THR D 233 -36.89 36.13 -36.28
C THR D 233 -38.09 35.76 -35.39
N PRO D 234 -39.32 36.04 -35.87
CA PRO D 234 -40.55 35.56 -35.25
C PRO D 234 -40.45 34.12 -34.76
N ASP D 235 -40.04 33.20 -35.63
CA ASP D 235 -39.84 31.80 -35.25
C ASP D 235 -39.10 31.61 -33.91
N GLU D 236 -38.08 32.43 -33.70
CA GLU D 236 -37.20 32.26 -32.55
C GLU D 236 -37.85 32.79 -31.28
N GLU D 237 -38.87 33.62 -31.47
CA GLU D 237 -39.56 34.28 -30.37
C GLU D 237 -40.56 33.38 -29.68
N ASN D 238 -40.78 32.20 -30.24
CA ASN D 238 -41.83 31.28 -29.80
C ASN D 238 -41.33 29.94 -29.28
N ILE D 239 -40.05 29.88 -28.92
CA ILE D 239 -39.46 28.65 -28.35
C ILE D 239 -39.00 28.87 -26.90
N ASP D 240 -39.05 27.82 -26.10
CA ASP D 240 -38.55 27.89 -24.75
C ASP D 240 -37.02 27.72 -24.79
N TRP D 241 -36.30 28.83 -24.72
CA TRP D 241 -34.86 28.78 -24.90
C TRP D 241 -34.12 28.09 -23.75
N THR D 242 -34.82 27.87 -22.64
CA THR D 242 -34.25 27.21 -21.47
C THR D 242 -34.29 25.69 -21.59
N LYS D 243 -35.16 25.17 -22.44
CA LYS D 243 -35.35 23.71 -22.46
C LYS D 243 -34.66 23.07 -23.67
N ILE D 244 -34.06 23.91 -24.50
CA ILE D 244 -33.19 23.49 -25.58
C ILE D 244 -32.06 22.55 -25.07
N GLU D 245 -31.75 21.54 -25.87
CA GLU D 245 -30.58 20.71 -25.65
C GLU D 245 -29.39 21.29 -26.40
N PRO D 246 -28.21 21.38 -25.74
CA PRO D 246 -27.00 21.76 -26.47
C PRO D 246 -26.81 20.82 -27.67
N SER D 247 -26.41 21.38 -28.79
CA SER D 247 -26.31 20.55 -29.96
C SER D 247 -25.41 21.19 -30.99
N VAL D 248 -25.08 20.43 -32.03
CA VAL D 248 -24.05 20.83 -32.99
C VAL D 248 -24.47 20.58 -34.42
N ASN D 249 -23.90 21.34 -35.35
CA ASN D 249 -24.29 21.26 -36.78
C ASN D 249 -25.81 21.48 -36.98
N PHE D 250 -26.35 22.53 -36.36
CA PHE D 250 -27.76 22.94 -36.41
C PHE D 250 -28.61 22.44 -35.24
N GLU E 4 15.13 3.58 -9.59
CA GLU E 4 13.76 3.08 -9.96
C GLU E 4 13.83 1.67 -10.56
N HIS E 5 12.90 0.81 -10.15
CA HIS E 5 12.71 -0.52 -10.73
C HIS E 5 11.25 -0.65 -11.14
N LEU E 6 10.59 0.50 -11.22
CA LEU E 6 9.27 0.64 -11.82
C LEU E 6 9.37 0.28 -13.28
N LYS E 7 8.75 -0.84 -13.64
CA LYS E 7 8.67 -1.26 -15.02
C LYS E 7 7.54 -0.49 -15.72
N ARG E 8 7.88 0.64 -16.33
CA ARG E 8 6.88 1.48 -16.96
C ARG E 8 5.99 0.75 -18.01
N GLU E 9 6.57 -0.18 -18.76
CA GLU E 9 5.82 -1.03 -19.72
C GLU E 9 4.68 -1.82 -19.08
N HIS E 10 4.71 -2.01 -17.77
CA HIS E 10 3.66 -2.74 -17.08
C HIS E 10 2.94 -1.88 -16.07
N SER E 11 3.06 -0.57 -16.23
CA SER E 11 2.42 0.35 -15.30
C SER E 11 1.46 1.32 -15.97
N LEU E 12 0.51 1.78 -15.17
CA LEU E 12 -0.49 2.74 -15.58
C LEU E 12 -0.37 3.95 -14.69
N ILE E 13 -0.08 5.11 -15.29
CA ILE E 13 0.29 6.32 -14.55
C ILE E 13 -0.20 7.56 -15.29
N LYS E 14 -0.86 8.49 -14.56
CA LYS E 14 -1.16 9.82 -15.09
C LYS E 14 0.14 10.40 -15.70
N PRO E 15 0.06 11.05 -16.87
CA PRO E 15 -1.16 11.37 -17.65
C PRO E 15 -1.75 10.21 -18.51
N TYR E 16 -1.21 8.99 -18.38
CA TYR E 16 -1.73 7.79 -19.07
C TYR E 16 -1.40 7.67 -20.56
N GLN E 17 -0.25 8.22 -20.96
CA GLN E 17 0.30 7.93 -22.29
C GLN E 17 0.62 6.44 -22.33
N PRO E 25 1.05 1.82 -27.45
CA PRO E 25 -0.24 1.39 -26.85
C PRO E 25 -0.01 0.35 -25.74
N LEU E 26 0.20 0.85 -24.52
CA LEU E 26 0.57 0.01 -23.40
C LEU E 26 -0.60 -0.66 -22.69
N TRP E 27 -1.77 -0.05 -22.73
CA TRP E 27 -3.00 -0.64 -22.15
C TRP E 27 -4.17 -0.52 -23.14
N ASP E 28 -5.07 -1.49 -23.13
CA ASP E 28 -6.28 -1.42 -23.93
C ASP E 28 -7.47 -1.53 -23.02
N PHE E 29 -8.57 -0.89 -23.40
CA PHE E 29 -9.73 -0.85 -22.53
C PHE E 29 -11.05 -1.01 -23.31
N GLN E 30 -12.17 -1.19 -22.59
CA GLN E 30 -13.36 -1.84 -23.10
C GLN E 30 -14.54 -1.81 -22.09
N GLY E 31 -15.77 -1.97 -22.59
CA GLY E 31 -16.97 -1.89 -21.75
C GLY E 31 -17.26 -0.46 -21.35
N SER E 32 -17.75 -0.25 -20.13
CA SER E 32 -18.04 1.11 -19.67
C SER E 32 -16.79 1.98 -19.33
N THR E 33 -15.60 1.40 -19.43
CA THR E 33 -14.38 2.11 -19.08
C THR E 33 -14.23 3.44 -19.81
N ILE E 34 -13.89 4.50 -19.05
CA ILE E 34 -13.46 5.77 -19.64
C ILE E 34 -12.10 6.26 -19.10
N LEU E 35 -11.36 6.97 -19.93
CA LEU E 35 -10.13 7.58 -19.52
C LEU E 35 -10.35 9.06 -19.25
N THR E 36 -9.92 9.54 -18.07
CA THR E 36 -9.89 10.98 -17.72
C THR E 36 -8.45 11.35 -17.32
N SER E 37 -8.22 12.62 -16.98
CA SER E 37 -6.89 13.09 -16.58
C SER E 37 -6.46 12.60 -15.18
N GLN E 38 -7.44 12.27 -14.33
CA GLN E 38 -7.19 11.92 -12.91
C GLN E 38 -7.29 10.41 -12.62
N TYR E 39 -7.91 9.65 -13.52
CA TYR E 39 -8.16 8.22 -13.28
C TYR E 39 -8.63 7.48 -14.50
N VAL E 40 -8.47 6.15 -14.47
CA VAL E 40 -9.26 5.27 -15.31
C VAL E 40 -10.53 4.90 -14.54
N ARG E 41 -11.69 5.32 -15.05
CA ARG E 41 -12.98 4.99 -14.44
C ARG E 41 -13.59 3.78 -15.13
N LEU E 42 -13.63 2.66 -14.41
CA LEU E 42 -14.00 1.38 -15.02
C LEU E 42 -15.48 1.26 -15.22
N THR E 43 -16.23 1.52 -14.16
CA THR E 43 -17.67 1.74 -14.26
C THR E 43 -17.97 3.06 -13.58
N PRO E 44 -19.01 3.80 -14.03
CA PRO E 44 -19.54 4.90 -13.25
C PRO E 44 -20.67 4.43 -12.32
N ASP E 45 -21.19 5.35 -11.52
CA ASP E 45 -22.25 5.09 -10.53
C ASP E 45 -23.65 4.88 -11.16
N GLU E 46 -23.73 3.90 -12.06
CA GLU E 46 -24.92 3.61 -12.82
C GLU E 46 -25.08 2.08 -12.88
N ARG E 47 -26.32 1.62 -12.97
CA ARG E 47 -26.64 0.20 -12.92
C ARG E 47 -26.12 -0.50 -14.16
N SER E 48 -25.93 -1.82 -14.05
CA SER E 48 -25.59 -2.71 -15.17
C SER E 48 -24.39 -2.27 -16.03
N LYS E 49 -23.25 -2.04 -15.38
CA LYS E 49 -22.03 -1.70 -16.12
C LYS E 49 -20.91 -2.72 -15.93
N GLU E 50 -20.12 -2.87 -16.99
CA GLU E 50 -18.99 -3.78 -17.05
C GLU E 50 -17.86 -3.04 -17.76
N GLY E 51 -16.68 -3.00 -17.15
CA GLY E 51 -15.54 -2.30 -17.75
C GLY E 51 -14.23 -2.93 -17.34
N SER E 52 -13.22 -2.85 -18.21
CA SER E 52 -11.87 -3.34 -17.91
C SER E 52 -10.78 -2.60 -18.69
N ILE E 53 -9.53 -2.70 -18.21
CA ILE E 53 -8.31 -2.24 -18.92
C ILE E 53 -7.33 -3.38 -18.79
N TRP E 54 -6.50 -3.56 -19.80
CA TRP E 54 -5.56 -4.66 -19.81
C TRP E 54 -4.23 -4.26 -20.35
N ASN E 55 -3.16 -4.70 -19.68
CA ASN E 55 -1.80 -4.47 -20.18
C ASN E 55 -1.62 -5.14 -21.54
N HIS E 56 -1.15 -4.36 -22.53
CA HIS E 56 -0.91 -4.87 -23.90
C HIS E 56 0.26 -5.84 -23.95
N GLN E 57 1.38 -5.52 -23.30
CA GLN E 57 2.54 -6.43 -23.28
C GLN E 57 2.45 -7.45 -22.14
N PRO E 58 2.72 -8.75 -22.43
CA PRO E 58 2.71 -9.74 -21.34
C PRO E 58 3.90 -9.52 -20.43
N CYS E 59 3.80 -9.99 -19.20
CA CYS E 59 4.82 -9.72 -18.20
C CYS E 59 5.70 -10.94 -18.00
N PHE E 60 7.00 -10.75 -18.17
CA PHE E 60 8.01 -11.81 -18.00
C PHE E 60 8.91 -11.61 -16.79
N LEU E 61 8.38 -11.01 -15.73
CA LEU E 61 9.11 -10.88 -14.48
C LEU E 61 8.75 -12.04 -13.59
N LYS E 62 9.74 -12.62 -12.93
CA LYS E 62 9.47 -13.71 -12.02
C LYS E 62 9.02 -13.16 -10.65
N ASP E 63 9.62 -12.03 -10.27
CA ASP E 63 9.39 -11.44 -8.97
C ASP E 63 8.93 -9.99 -9.02
N TRP E 64 7.68 -9.78 -8.64
CA TRP E 64 7.08 -8.48 -8.78
C TRP E 64 6.16 -8.14 -7.63
N GLU E 65 6.07 -6.83 -7.44
CA GLU E 65 5.12 -6.22 -6.56
C GLU E 65 4.38 -5.17 -7.37
N MET E 66 3.06 -5.29 -7.41
CA MET E 66 2.18 -4.36 -8.10
C MET E 66 1.45 -3.49 -7.08
N HIS E 67 1.68 -2.18 -7.14
CA HIS E 67 1.02 -1.18 -6.28
C HIS E 67 -0.17 -0.52 -6.98
N VAL E 68 -1.32 -0.58 -6.36
CA VAL E 68 -2.52 -0.09 -7.00
C VAL E 68 -3.14 1.01 -6.17
N HIS E 69 -3.21 2.20 -6.76
CA HIS E 69 -4.02 3.28 -6.23
C HIS E 69 -5.42 3.25 -6.91
N PHE E 70 -6.44 2.96 -6.12
CA PHE E 70 -7.79 2.80 -6.64
C PHE E 70 -8.80 3.64 -5.83
N LYS E 71 -9.96 3.91 -6.41
CA LYS E 71 -11.03 4.52 -5.64
C LYS E 71 -12.38 3.92 -5.96
N VAL E 72 -13.02 3.46 -4.90
CA VAL E 72 -14.38 2.95 -4.95
C VAL E 72 -15.24 3.89 -4.11
N HIS E 73 -16.20 4.55 -4.76
CA HIS E 73 -17.00 5.58 -4.12
C HIS E 73 -18.37 5.78 -4.79
N GLY E 74 -19.37 6.15 -4.00
CA GLY E 74 -20.74 6.25 -4.53
C GLY E 74 -21.74 6.91 -3.61
N THR E 75 -23.02 6.61 -3.84
CA THR E 75 -24.16 7.18 -3.09
C THR E 75 -25.24 6.15 -2.77
N ASN E 79 -26.05 2.86 1.08
CA ASN E 79 -25.44 1.69 1.73
C ASN E 79 -25.63 0.39 0.92
N LEU E 80 -26.47 0.44 -0.11
CA LEU E 80 -26.60 -0.64 -1.06
C LEU E 80 -25.82 -0.20 -2.30
N HIS E 81 -24.70 -0.86 -2.52
CA HIS E 81 -23.71 -0.42 -3.49
C HIS E 81 -23.00 -1.65 -4.02
N GLY E 82 -22.36 -1.54 -5.18
CA GLY E 82 -21.64 -2.65 -5.76
C GLY E 82 -21.09 -2.38 -7.14
N ASP E 83 -20.45 -3.38 -7.74
CA ASP E 83 -20.17 -4.64 -7.08
C ASP E 83 -18.73 -4.76 -6.56
N GLY E 84 -17.86 -3.88 -7.06
CA GLY E 84 -16.43 -3.94 -6.73
C GLY E 84 -15.52 -4.11 -7.93
N ILE E 85 -14.26 -4.44 -7.64
CA ILE E 85 -13.15 -4.42 -8.59
C ILE E 85 -12.40 -5.72 -8.52
N ALA E 86 -11.92 -6.21 -9.66
CA ALA E 86 -11.00 -7.35 -9.70
C ALA E 86 -9.69 -6.92 -10.29
N LEU E 87 -8.60 -7.44 -9.71
CA LEU E 87 -7.30 -7.24 -10.34
C LEU E 87 -6.80 -8.57 -10.94
N TRP E 88 -6.24 -8.51 -12.14
CA TRP E 88 -5.92 -9.72 -12.89
C TRP E 88 -4.45 -9.89 -13.21
N TYR E 89 -4.02 -11.15 -13.17
CA TYR E 89 -2.80 -11.63 -13.81
C TYR E 89 -3.22 -12.96 -14.45
N THR E 90 -3.64 -12.88 -15.72
CA THR E 90 -4.20 -14.05 -16.39
C THR E 90 -3.68 -14.28 -17.80
N ARG E 91 -3.99 -15.46 -18.33
CA ARG E 91 -3.55 -15.92 -19.65
C ARG E 91 -4.19 -15.11 -20.75
N ASP E 92 -5.47 -14.82 -20.53
CA ASP E 92 -6.34 -14.09 -21.47
C ASP E 92 -6.46 -12.60 -21.11
N ARG E 93 -7.12 -11.85 -21.98
CA ARG E 93 -7.28 -10.42 -21.82
C ARG E 93 -8.39 -9.91 -22.73
N LEU E 94 -9.04 -8.83 -22.30
CA LEU E 94 -10.16 -8.22 -23.02
C LEU E 94 -11.32 -9.20 -23.24
N VAL E 95 -11.71 -9.91 -22.19
CA VAL E 95 -12.86 -10.80 -22.25
C VAL E 95 -13.96 -10.42 -21.24
N PRO E 96 -15.02 -9.73 -21.70
CA PRO E 96 -16.09 -9.37 -20.77
C PRO E 96 -16.73 -10.60 -20.14
N GLY E 97 -17.44 -10.39 -19.04
CA GLY E 97 -18.10 -11.46 -18.31
C GLY E 97 -18.70 -11.02 -16.98
N PRO E 98 -19.12 -12.00 -16.14
CA PRO E 98 -19.81 -11.69 -14.90
C PRO E 98 -18.91 -11.63 -13.66
N VAL E 99 -17.61 -11.92 -13.84
CA VAL E 99 -16.68 -11.88 -12.71
C VAL E 99 -16.01 -10.49 -12.58
N PHE E 100 -16.79 -9.58 -11.99
CA PHE E 100 -16.43 -8.17 -11.88
C PHE E 100 -16.08 -7.60 -13.25
N GLY E 101 -16.93 -7.93 -14.24
CA GLY E 101 -16.85 -7.41 -15.60
C GLY E 101 -15.99 -8.23 -16.53
N SER E 102 -15.46 -9.34 -16.04
CA SER E 102 -14.54 -10.16 -16.82
C SER E 102 -14.95 -11.64 -16.86
N LYS E 103 -14.33 -12.42 -17.73
CA LYS E 103 -14.73 -13.83 -17.91
C LYS E 103 -14.49 -14.74 -16.68
N ASP E 104 -15.48 -15.57 -16.38
CA ASP E 104 -15.39 -16.68 -15.43
C ASP E 104 -14.53 -17.78 -16.06
N ASN E 105 -14.01 -18.69 -15.25
CA ASN E 105 -13.14 -19.79 -15.74
C ASN E 105 -11.84 -19.34 -16.40
N PHE E 106 -11.14 -18.46 -15.69
CA PHE E 106 -9.88 -17.85 -16.10
C PHE E 106 -8.68 -18.70 -15.71
N HIS E 107 -7.57 -18.47 -16.40
CA HIS E 107 -6.30 -19.05 -16.05
C HIS E 107 -5.40 -17.99 -15.38
N GLY E 108 -5.10 -18.20 -14.10
CA GLY E 108 -4.13 -17.38 -13.37
C GLY E 108 -4.65 -16.78 -12.07
N LEU E 109 -4.27 -15.53 -11.84
CA LEU E 109 -4.53 -14.88 -10.56
C LEU E 109 -5.56 -13.77 -10.63
N ALA E 110 -6.46 -13.79 -9.66
CA ALA E 110 -7.39 -12.71 -9.47
C ALA E 110 -7.41 -12.26 -8.02
N ILE E 111 -7.44 -10.93 -7.83
CA ILE E 111 -7.62 -10.33 -6.51
C ILE E 111 -8.96 -9.62 -6.57
N PHE E 112 -9.86 -9.98 -5.66
CA PHE E 112 -11.25 -9.52 -5.65
C PHE E 112 -11.55 -8.49 -4.53
N LEU E 113 -11.95 -7.29 -4.94
CA LEU E 113 -12.39 -6.27 -3.98
C LEU E 113 -13.90 -6.11 -4.07
N ASP E 114 -14.58 -6.68 -3.09
CA ASP E 114 -15.99 -7.00 -3.17
C ASP E 114 -16.72 -6.06 -2.23
N THR E 115 -17.56 -5.19 -2.76
CA THR E 115 -18.24 -4.23 -1.90
C THR E 115 -19.64 -4.69 -1.49
N TYR E 116 -20.11 -5.80 -2.05
CA TYR E 116 -21.48 -6.23 -1.80
C TYR E 116 -21.64 -7.72 -1.52
N PRO E 117 -22.20 -8.05 -0.35
CA PRO E 117 -22.51 -9.44 0.03
C PRO E 117 -23.65 -10.04 -0.82
N ASN E 118 -23.38 -11.16 -1.46
CA ASN E 118 -24.42 -11.88 -2.16
C ASN E 118 -24.89 -13.10 -1.34
N ASP E 119 -24.05 -13.50 -0.38
CA ASP E 119 -24.39 -14.53 0.61
C ASP E 119 -24.97 -13.80 1.81
N GLU E 120 -26.31 -13.83 1.92
CA GLU E 120 -27.07 -13.01 2.89
C GLU E 120 -26.94 -13.44 4.36
N THR E 121 -25.93 -14.26 4.66
CA THR E 121 -25.57 -14.58 6.05
C THR E 121 -24.26 -13.89 6.48
N VAL E 125 -18.93 -9.64 6.92
CA VAL E 125 -18.46 -8.24 7.05
C VAL E 125 -17.70 -7.75 5.80
N PHE E 126 -18.42 -6.99 4.98
CA PHE E 126 -17.88 -6.45 3.75
C PHE E 126 -17.56 -4.98 3.92
N PRO E 127 -16.76 -4.40 3.02
CA PRO E 127 -16.11 -5.02 1.87
C PRO E 127 -15.13 -6.09 2.30
N TYR E 128 -14.87 -7.02 1.40
CA TYR E 128 -13.99 -8.11 1.72
C TYR E 128 -13.08 -8.35 0.53
N ILE E 129 -11.80 -8.63 0.79
CA ILE E 129 -10.83 -8.84 -0.29
C ILE E 129 -10.42 -10.29 -0.26
N SER E 130 -10.26 -10.88 -1.45
CA SER E 130 -9.90 -12.31 -1.56
C SER E 130 -9.10 -12.62 -2.83
N VAL E 131 -8.40 -13.76 -2.81
CA VAL E 131 -7.69 -14.23 -3.99
C VAL E 131 -8.23 -15.58 -4.46
N MET E 132 -8.04 -15.83 -5.75
CA MET E 132 -8.42 -17.06 -6.40
C MET E 132 -7.31 -17.35 -7.40
N VAL E 133 -6.67 -18.50 -7.27
CA VAL E 133 -5.81 -18.98 -8.32
C VAL E 133 -6.67 -20.05 -8.99
N ASN E 134 -6.54 -20.16 -10.31
CA ASN E 134 -7.50 -20.88 -11.15
C ASN E 134 -6.80 -21.35 -12.42
N ASN E 135 -6.83 -22.66 -12.65
CA ASN E 135 -6.17 -23.27 -13.80
C ASN E 135 -7.15 -23.46 -14.94
N GLY E 136 -8.40 -23.09 -14.68
CA GLY E 136 -9.49 -23.26 -15.64
C GLY E 136 -10.65 -24.04 -15.07
N SER E 137 -10.38 -24.89 -14.08
CA SER E 137 -11.41 -25.78 -13.55
C SER E 137 -12.47 -25.05 -12.72
N LEU E 138 -12.09 -23.93 -12.10
CA LEU E 138 -12.96 -23.32 -11.09
C LEU E 138 -13.89 -22.30 -11.69
N SER E 139 -14.96 -21.98 -10.97
CA SER E 139 -15.94 -21.01 -11.43
C SER E 139 -16.36 -20.09 -10.30
N TYR E 140 -16.18 -18.79 -10.51
CA TYR E 140 -16.55 -17.83 -9.50
C TYR E 140 -18.08 -17.82 -9.32
N ASP E 141 -18.50 -18.23 -8.12
CA ASP E 141 -19.90 -18.32 -7.79
C ASP E 141 -20.39 -16.98 -7.28
N HIS E 142 -20.69 -16.09 -8.22
CA HIS E 142 -21.14 -14.73 -7.90
C HIS E 142 -22.25 -14.73 -6.85
N SER E 143 -22.98 -15.84 -6.78
CA SER E 143 -24.12 -15.99 -5.87
C SER E 143 -23.69 -15.95 -4.40
N LYS E 144 -22.62 -16.68 -4.07
CA LYS E 144 -22.16 -16.75 -2.67
C LYS E 144 -20.80 -16.04 -2.48
N ASP E 145 -20.65 -14.85 -3.08
CA ASP E 145 -19.43 -14.04 -2.99
C ASP E 145 -18.10 -14.78 -3.30
N GLY E 146 -18.19 -15.93 -3.97
CA GLY E 146 -17.00 -16.73 -4.34
C GLY E 146 -16.32 -17.53 -3.23
N ARG E 147 -17.00 -17.65 -2.09
CA ARG E 147 -16.40 -18.18 -0.85
C ARG E 147 -15.77 -19.56 -0.96
N TRP E 148 -16.43 -20.47 -1.66
CA TRP E 148 -15.96 -21.86 -1.73
C TRP E 148 -14.81 -22.05 -2.72
N THR E 149 -14.34 -20.96 -3.32
CA THR E 149 -13.27 -21.01 -4.33
C THR E 149 -12.06 -20.13 -3.94
N GLU E 150 -12.29 -19.21 -3.02
CA GLU E 150 -11.27 -18.32 -2.50
C GLU E 150 -10.24 -19.09 -1.68
N LEU E 151 -8.97 -18.71 -1.87
CA LEU E 151 -7.86 -19.27 -1.11
C LEU E 151 -7.68 -18.60 0.25
N ALA E 152 -7.98 -17.29 0.32
CA ALA E 152 -7.91 -16.51 1.56
C ALA E 152 -8.54 -15.15 1.36
N GLY E 153 -8.80 -14.44 2.45
CA GLY E 153 -9.40 -13.13 2.39
C GLY E 153 -9.26 -12.34 3.67
N CYS E 154 -9.79 -11.11 3.66
CA CYS E 154 -9.82 -10.23 4.82
C CYS E 154 -10.92 -9.20 4.65
N THR E 155 -11.56 -8.81 5.76
CA THR E 155 -12.45 -7.64 5.71
C THR E 155 -11.59 -6.39 5.46
N ALA E 156 -12.14 -5.41 4.74
CA ALA E 156 -11.36 -4.24 4.32
C ALA E 156 -12.22 -2.99 4.07
N ASP E 157 -12.05 -1.99 4.91
CA ASP E 157 -12.88 -0.81 4.86
C ASP E 157 -12.36 0.18 3.80
N PHE E 158 -12.52 -0.19 2.53
CA PHE E 158 -11.97 0.60 1.43
C PHE E 158 -12.93 1.53 0.68
N ARG E 159 -14.19 1.59 1.07
CA ARG E 159 -15.16 2.34 0.28
C ARG E 159 -15.42 3.73 0.86
N ASN E 160 -15.62 4.71 -0.02
CA ASN E 160 -16.00 6.04 0.40
C ASN E 160 -15.15 6.64 1.51
N ARG E 161 -13.85 6.39 1.45
CA ARG E 161 -12.93 7.03 2.36
C ARG E 161 -12.62 8.43 1.87
N ASP E 162 -12.35 9.34 2.81
CA ASP E 162 -12.03 10.74 2.44
C ASP E 162 -10.52 11.01 2.33
N HIS E 163 -9.77 9.98 1.94
CA HIS E 163 -8.32 10.07 1.73
C HIS E 163 -7.93 8.92 0.80
N ASP E 164 -6.76 8.97 0.18
CA ASP E 164 -6.31 7.92 -0.76
C ASP E 164 -6.34 6.48 -0.22
N THR E 165 -6.57 5.51 -1.10
CA THR E 165 -6.67 4.10 -0.73
C THR E 165 -5.82 3.22 -1.66
N PHE E 166 -4.93 2.41 -1.06
CA PHE E 166 -3.93 1.64 -1.82
C PHE E 166 -3.95 0.16 -1.52
N LEU E 167 -3.44 -0.62 -2.47
CA LEU E 167 -3.31 -2.05 -2.33
C LEU E 167 -1.98 -2.50 -2.93
N ALA E 168 -1.36 -3.51 -2.33
CA ALA E 168 -0.16 -4.07 -2.90
C ALA E 168 -0.31 -5.56 -3.02
N VAL E 169 0.10 -6.07 -4.18
CA VAL E 169 0.05 -7.48 -4.49
C VAL E 169 1.49 -7.88 -4.76
N ARG E 170 2.10 -8.59 -3.82
CA ARG E 170 3.46 -9.07 -4.02
C ARG E 170 3.46 -10.55 -4.38
N TYR E 171 4.12 -10.88 -5.47
CA TYR E 171 4.29 -12.27 -5.90
C TYR E 171 5.73 -12.56 -6.28
N SER E 172 6.34 -13.51 -5.59
CA SER E 172 7.78 -13.84 -5.72
C SER E 172 8.12 -15.13 -4.97
N ARG E 173 8.84 -16.02 -5.67
CA ARG E 173 9.30 -17.33 -5.10
C ARG E 173 8.18 -18.19 -4.52
N GLY E 174 7.04 -18.21 -5.21
CA GLY E 174 5.89 -18.99 -4.77
C GLY E 174 5.00 -18.27 -3.76
N ARG E 175 5.39 -17.08 -3.30
CA ARG E 175 4.64 -16.42 -2.24
C ARG E 175 3.75 -15.30 -2.75
N LEU E 176 2.45 -15.39 -2.47
CA LEU E 176 1.51 -14.31 -2.79
C LEU E 176 1.01 -13.54 -1.56
N THR E 177 1.34 -12.25 -1.50
CA THR E 177 0.93 -11.35 -0.41
C THR E 177 0.15 -10.14 -0.93
N VAL E 178 -0.84 -9.74 -0.14
CA VAL E 178 -1.69 -8.58 -0.43
C VAL E 178 -1.69 -7.72 0.82
N MET E 179 -1.31 -6.47 0.66
CA MET E 179 -1.28 -5.52 1.77
C MET E 179 -2.22 -4.41 1.41
N THR E 180 -2.80 -3.76 2.42
CA THR E 180 -3.63 -2.59 2.19
C THR E 180 -3.11 -1.36 2.91
N ASP E 181 -3.52 -0.20 2.40
CA ASP E 181 -3.26 1.09 3.03
C ASP E 181 -4.52 1.90 2.82
N LEU E 182 -5.37 1.89 3.84
CA LEU E 182 -6.75 2.39 3.73
C LEU E 182 -7.13 3.42 4.79
N GLU E 183 -6.34 3.49 5.86
CA GLU E 183 -6.64 4.38 7.00
C GLU E 183 -5.85 5.68 7.00
N ASP E 184 -5.15 6.02 5.94
CA ASP E 184 -4.45 7.29 5.91
C ASP E 184 -3.29 7.36 6.93
N LYS E 185 -2.82 6.21 7.39
CA LYS E 185 -1.72 6.12 8.33
C LYS E 185 -0.38 6.08 7.59
N ASN E 186 -0.41 6.01 6.27
CA ASN E 186 0.81 5.81 5.45
C ASN E 186 1.56 4.50 5.81
N GLU E 187 0.81 3.41 6.05
CA GLU E 187 1.37 2.10 6.42
C GLU E 187 0.77 1.02 5.54
N TRP E 188 1.45 -0.11 5.42
CA TRP E 188 0.80 -1.31 4.88
C TRP E 188 0.18 -2.15 5.99
N LYS E 189 -0.94 -2.75 5.68
CA LYS E 189 -1.60 -3.62 6.61
C LYS E 189 -1.79 -4.98 5.94
N ASN E 190 -1.44 -6.02 6.69
CA ASN E 190 -1.65 -7.40 6.37
C ASN E 190 -3.09 -7.66 5.93
N CYS E 191 -3.26 -8.34 4.79
CA CYS E 191 -4.56 -8.81 4.37
C CYS E 191 -4.50 -10.31 4.08
N ILE E 192 -3.68 -10.69 3.09
CA ILE E 192 -3.56 -12.07 2.64
C ILE E 192 -2.09 -12.43 2.56
N ASP E 193 -1.77 -13.66 2.97
CA ASP E 193 -0.42 -14.22 2.81
C ASP E 193 -0.47 -15.75 2.67
N ILE E 194 -0.02 -16.26 1.53
CA ILE E 194 0.01 -17.70 1.24
C ILE E 194 1.28 -18.05 0.47
N THR E 195 1.78 -19.26 0.67
CA THR E 195 2.98 -19.73 -0.03
C THR E 195 2.63 -20.90 -0.94
N GLY E 196 3.62 -21.29 -1.75
CA GLY E 196 3.48 -22.36 -2.73
C GLY E 196 2.44 -22.11 -3.81
N VAL E 197 2.35 -20.86 -4.28
CA VAL E 197 1.51 -20.52 -5.44
C VAL E 197 2.36 -20.55 -6.72
N ARG E 198 1.94 -21.35 -7.68
CA ARG E 198 2.69 -21.49 -8.93
C ARG E 198 1.99 -20.73 -10.05
N LEU E 199 2.72 -19.80 -10.65
CA LEU E 199 2.17 -19.00 -11.73
C LEU E 199 3.17 -18.83 -12.86
N PRO E 200 2.73 -19.05 -14.11
CA PRO E 200 3.62 -18.87 -15.26
C PRO E 200 4.02 -17.42 -15.44
N THR E 201 5.17 -17.18 -16.05
CA THR E 201 5.44 -15.86 -16.60
C THR E 201 4.58 -15.66 -17.88
N GLY E 202 4.74 -14.51 -18.54
CA GLY E 202 4.04 -14.27 -19.81
C GLY E 202 2.54 -14.10 -19.76
N TYR E 203 1.99 -13.80 -18.59
CA TYR E 203 0.57 -13.47 -18.44
C TYR E 203 0.39 -11.95 -18.54
N TYR E 204 -0.85 -11.47 -18.42
CA TYR E 204 -1.15 -10.02 -18.50
C TYR E 204 -1.87 -9.46 -17.28
N PHE E 205 -1.35 -8.35 -16.77
CA PHE E 205 -2.02 -7.60 -15.72
C PHE E 205 -3.18 -6.87 -16.33
N GLY E 206 -4.27 -6.76 -15.56
CA GLY E 206 -5.39 -5.90 -15.93
C GLY E 206 -6.31 -5.68 -14.75
N ALA E 207 -7.32 -4.83 -14.92
CA ALA E 207 -8.28 -4.60 -13.86
C ALA E 207 -9.67 -4.48 -14.44
N SER E 208 -10.68 -4.92 -13.70
CA SER E 208 -12.06 -4.77 -14.14
C SER E 208 -13.02 -4.48 -13.00
N ALA E 209 -14.17 -3.91 -13.36
CA ALA E 209 -15.26 -3.71 -12.39
C ALA E 209 -16.63 -4.02 -12.99
N GLY E 210 -17.63 -4.14 -12.12
CA GLY E 210 -18.98 -4.45 -12.52
C GLY E 210 -19.98 -3.82 -11.58
N THR E 211 -21.10 -3.37 -12.15
CA THR E 211 -22.26 -2.90 -11.36
C THR E 211 -23.48 -3.67 -11.82
N GLY E 212 -24.44 -3.88 -10.93
CA GLY E 212 -25.65 -4.61 -11.28
C GLY E 212 -26.87 -3.80 -10.90
N ASP E 213 -27.65 -4.29 -9.95
CA ASP E 213 -28.76 -3.50 -9.42
C ASP E 213 -28.20 -2.38 -8.56
N LEU E 214 -27.02 -2.60 -8.00
CA LEU E 214 -26.32 -1.59 -7.19
C LEU E 214 -25.04 -1.10 -7.88
N SER E 215 -24.64 0.14 -7.60
CA SER E 215 -23.50 0.70 -8.30
C SER E 215 -22.51 1.49 -7.44
N ASP E 216 -21.37 1.80 -8.04
CA ASP E 216 -20.34 2.68 -7.51
C ASP E 216 -19.59 3.24 -8.70
N ASN E 217 -18.84 4.31 -8.50
CA ASN E 217 -17.69 4.54 -9.35
C ASN E 217 -16.57 3.60 -8.89
N HIS E 218 -16.01 2.85 -9.86
CA HIS E 218 -14.77 2.07 -9.67
C HIS E 218 -13.57 2.64 -10.46
N ASP E 219 -12.71 3.37 -9.77
CA ASP E 219 -11.63 4.09 -10.44
C ASP E 219 -10.28 3.50 -10.12
N ILE E 220 -9.42 3.42 -11.16
CA ILE E 220 -8.01 3.11 -11.00
C ILE E 220 -7.20 4.38 -11.22
N ILE E 221 -6.47 4.82 -10.21
CA ILE E 221 -5.61 5.98 -10.42
C ILE E 221 -4.24 5.55 -10.96
N SER E 222 -3.67 4.49 -10.41
CA SER E 222 -2.38 4.01 -10.89
C SER E 222 -2.18 2.54 -10.57
N MET E 223 -1.42 1.90 -11.44
CA MET E 223 -0.91 0.57 -11.23
C MET E 223 0.58 0.68 -11.50
N LYS E 224 1.37 0.56 -10.44
CA LYS E 224 2.80 0.63 -10.50
C LYS E 224 3.39 -0.74 -10.24
N LEU E 225 4.03 -1.28 -11.27
CA LEU E 225 4.68 -2.57 -11.17
C LEU E 225 6.18 -2.37 -10.90
N PHE E 226 6.69 -2.97 -9.84
CA PHE E 226 8.11 -2.93 -9.58
C PHE E 226 8.68 -4.33 -9.77
N GLN E 227 9.82 -4.41 -10.45
CA GLN E 227 10.62 -5.61 -10.49
C GLN E 227 11.29 -5.78 -9.12
N LEU E 228 11.23 -6.98 -8.56
CA LEU E 228 12.00 -7.28 -7.35
C LEU E 228 13.34 -7.96 -7.69
N MET E 229 14.44 -7.27 -7.36
CA MET E 229 15.81 -7.79 -7.54
C MET E 229 16.04 -8.93 -6.57
N VAL E 230 15.39 -10.06 -6.84
CA VAL E 230 15.55 -11.28 -6.07
C VAL E 230 16.39 -12.20 -6.94
N GLU E 231 17.32 -12.93 -6.33
CA GLU E 231 18.18 -13.80 -7.11
C GLU E 231 17.65 -15.26 -7.14
N HIS E 232 17.92 -15.94 -8.24
CA HIS E 232 17.51 -17.33 -8.44
C HIS E 232 18.73 -18.20 -8.76
N THR E 233 18.70 -19.47 -8.32
CA THR E 233 19.77 -20.40 -8.66
C THR E 233 19.81 -20.58 -10.19
N PRO E 234 21.02 -20.65 -10.78
CA PRO E 234 21.17 -21.05 -12.19
C PRO E 234 20.33 -22.29 -12.58
N ASP E 235 20.21 -23.29 -11.70
CA ASP E 235 19.33 -24.44 -11.95
C ASP E 235 17.87 -24.08 -11.83
N ILE E 239 14.11 -22.49 -17.11
CA ILE E 239 13.52 -23.81 -17.28
C ILE E 239 12.02 -23.71 -17.67
N ASP E 240 11.77 -22.84 -18.66
CA ASP E 240 10.43 -22.46 -19.17
C ASP E 240 9.38 -22.05 -18.13
N TRP E 241 9.56 -20.86 -17.57
CA TRP E 241 8.60 -20.33 -16.59
C TRP E 241 7.23 -20.03 -17.22
N THR E 242 7.18 -19.89 -18.55
CA THR E 242 5.92 -19.63 -19.26
C THR E 242 5.02 -20.87 -19.37
N LYS E 243 5.51 -22.02 -18.95
CA LYS E 243 4.72 -23.27 -19.03
C LYS E 243 4.11 -23.73 -17.71
N ILE E 244 4.41 -23.02 -16.63
CA ILE E 244 3.89 -23.39 -15.32
C ILE E 244 2.36 -23.30 -15.30
N GLU E 245 1.72 -24.32 -14.72
CA GLU E 245 0.27 -24.33 -14.61
C GLU E 245 -0.15 -23.78 -13.25
N PRO E 246 -0.97 -22.69 -13.26
CA PRO E 246 -1.54 -22.11 -12.04
C PRO E 246 -2.03 -23.17 -11.02
N SER E 247 -1.35 -23.25 -9.88
CA SER E 247 -1.68 -24.20 -8.81
C SER E 247 -1.28 -23.67 -7.44
N VAL E 248 -1.66 -24.38 -6.37
CA VAL E 248 -1.20 -24.08 -5.01
C VAL E 248 -0.48 -25.26 -4.32
C1 BMA F . -24.31 51.70 15.11
C2 BMA F . -24.84 50.32 14.66
C3 BMA F . -24.18 49.89 13.33
C4 BMA F . -24.15 51.02 12.32
C5 BMA F . -23.40 52.18 12.96
C6 BMA F . -23.12 53.29 11.94
O1 BMA F . -25.11 52.27 16.13
O2 BMA F . -26.26 50.31 14.58
O3 BMA F . -24.83 48.78 12.73
O4 BMA F . -23.58 50.63 11.11
O5 BMA F . -24.21 52.62 14.04
O6 BMA F . -23.67 54.53 12.38
C1 MAN F . -23.87 47.71 12.62
C2 MAN F . -24.33 46.65 11.65
C3 MAN F . -25.65 46.09 12.22
C4 MAN F . -25.44 45.49 13.61
C5 MAN F . -24.69 46.47 14.53
C6 MAN F . -24.15 45.81 15.81
O2 MAN F . -23.35 45.60 11.67
O3 MAN F . -26.18 45.13 11.35
O4 MAN F . -26.67 45.09 14.17
O5 MAN F . -23.60 47.10 13.88
O6 MAN F . -24.12 46.74 16.88
C1 MAN F . -22.54 45.42 10.49
C2 MAN F . -22.21 43.92 10.35
C3 MAN F . -21.32 43.45 11.50
C4 MAN F . -20.13 44.40 11.72
C5 MAN F . -20.62 45.86 11.77
C6 MAN F . -19.49 46.84 11.96
O2 MAN F . -21.58 43.60 9.12
O3 MAN F . -20.91 42.09 11.35
O4 MAN F . -19.58 44.09 12.96
O5 MAN F . -21.34 46.17 10.58
O6 MAN F . -18.61 46.78 10.85
C1 BMA G . 22.69 -27.79 3.03
C2 BMA G . 21.90 -26.75 2.23
C3 BMA G . 20.38 -26.80 2.46
C4 BMA G . 19.84 -28.23 2.58
C5 BMA G . 20.71 -28.99 3.57
C6 BMA G . 20.24 -30.43 3.79
O1 BMA G . 23.95 -28.04 2.44
O2 BMA G . 22.18 -26.83 0.85
O3 BMA G . 19.68 -26.14 1.41
O4 BMA G . 18.48 -28.22 2.99
O5 BMA G . 22.02 -29.03 3.06
O6 BMA G . 19.46 -30.53 4.95
C1 MAN G . 19.08 -24.90 1.86
C2 MAN G . 17.85 -24.51 1.03
C3 MAN G . 18.28 -24.32 -0.42
C4 MAN G . 19.40 -23.26 -0.51
C5 MAN G . 20.52 -23.54 0.54
C6 MAN G . 21.53 -22.40 0.67
O2 MAN G . 17.39 -23.24 1.46
O3 MAN G . 17.17 -23.99 -1.23
O4 MAN G . 19.93 -23.18 -1.83
O5 MAN G . 19.99 -23.81 1.83
O6 MAN G . 22.71 -22.88 1.27
C1 MAN G . 16.17 -23.22 2.22
C2 MAN G . 15.47 -21.88 1.92
C3 MAN G . 16.33 -20.74 2.49
C4 MAN G . 16.65 -20.98 3.97
C5 MAN G . 17.35 -22.34 4.07
C6 MAN G . 17.89 -22.72 5.44
O2 MAN G . 14.14 -21.82 2.40
O3 MAN G . 15.76 -19.47 2.23
O4 MAN G . 17.52 -19.98 4.47
O5 MAN G . 16.43 -23.32 3.62
O6 MAN G . 16.89 -22.57 6.42
CA CA H . -16.79 43.14 17.91
CA CA I . 21.58 -16.53 6.20
C1 MAN J . 2.98 -32.79 -0.53
C2 MAN J . 3.08 -33.57 -1.83
C3 MAN J . 2.78 -35.08 -1.61
C4 MAN J . 3.38 -35.66 -0.33
C5 MAN J . 3.36 -34.70 0.86
C6 MAN J . 4.23 -35.22 2.01
O1 MAN J . 1.63 -32.65 -0.12
O2 MAN J . 4.37 -33.41 -2.39
O3 MAN J . 3.25 -35.81 -2.72
O4 MAN J . 2.65 -36.81 0.02
O5 MAN J . 3.79 -33.41 0.46
O6 MAN J . 5.56 -35.43 1.61
CA CA K . 0.53 -41.70 1.45
CA CA L . -3.48 18.68 -23.18
CA CA M . -20.47 -10.05 -3.84
#